data_6LB3
#
_entry.id   6LB3
#
_cell.length_a   57.284
_cell.length_b   95.570
_cell.length_c   128.857
_cell.angle_alpha   90.000
_cell.angle_beta   96.290
_cell.angle_gamma   90.000
#
_symmetry.space_group_name_H-M   'P 1 21 1'
#
loop_
_entity.id
_entity.type
_entity.pdbx_description
1 polymer 'HTH cro/C1-type domain-containing protein'
2 polymer "DNA (5'-D(P*AP*CP*GP*CP*TP*TP*AP*AP*CP*GP*TP*TP*AP*AP*GP*GP*GP*T)-3')"
3 polymer "DNA (5'-D(P*AP*CP*CP*CP*TP*TP*AP*AP*CP*GP*TP*TP*AP*AP*GP*CP*GP*T)-3')"
4 non-polymer 'SULFATE ION'
5 water water
#
loop_
_entity_poly.entity_id
_entity_poly.type
_entity_poly.pdbx_seq_one_letter_code
_entity_poly.pdbx_strand_id
1 'polypeptide(L)'
;MATNGMRPIHPGEILRDEFLMEFDISPAALARALKVSAPTVNDIVREQRGISADMAIRLGRYFDTSAQFWMNLQSEYSLA
TAYAANGKQIEHEIEPLLAHGGSHHHHHH
;
A,B,C,D,E,F,G,H
2 'polydeoxyribonucleotide' (DA)(DC)(DG)(DC)(DT)(DT)(DA)(DA)(DC)(DG)(DT)(DT)(DA)(DA)(DG)(DG)(DG)(DT) I,K,M
3 'polydeoxyribonucleotide' (DA)(DC)(DC)(DC)(DT)(DT)(DA)(DA)(DC)(DG)(DT)(DT)(DA)(DA)(DG)(DC)(DG)(DT) J,L,N
#
loop_
_chem_comp.id
_chem_comp.type
_chem_comp.name
_chem_comp.formula
DA DNA linking 2'-DEOXYADENOSINE-5'-MONOPHOSPHATE 'C10 H14 N5 O6 P'
DC DNA linking 2'-DEOXYCYTIDINE-5'-MONOPHOSPHATE 'C9 H14 N3 O7 P'
DG DNA linking 2'-DEOXYGUANOSINE-5'-MONOPHOSPHATE 'C10 H14 N5 O7 P'
DT DNA linking THYMIDINE-5'-MONOPHOSPHATE 'C10 H15 N2 O8 P'
SO4 non-polymer 'SULFATE ION' 'O4 S -2'
#
# COMPACT_ATOMS: atom_id res chain seq x y z
N ARG A 7 11.20 23.75 4.85
CA ARG A 7 11.37 23.12 3.53
C ARG A 7 12.52 22.09 3.51
N PRO A 8 12.17 20.82 3.36
CA PRO A 8 13.20 19.77 3.36
C PRO A 8 14.10 19.90 2.13
N ILE A 9 15.42 19.81 2.36
CA ILE A 9 16.41 19.92 1.29
C ILE A 9 17.19 18.62 1.23
N HIS A 10 16.90 17.79 0.22
CA HIS A 10 17.60 16.53 0.07
C HIS A 10 19.09 16.77 -0.06
N PRO A 11 19.93 15.93 0.54
CA PRO A 11 21.38 16.13 0.40
C PRO A 11 21.85 16.14 -1.04
N GLY A 12 21.20 15.37 -1.91
CA GLY A 12 21.57 15.35 -3.33
C GLY A 12 21.45 16.71 -4.00
N GLU A 13 20.44 17.50 -3.62
CA GLU A 13 20.34 18.87 -4.12
C GLU A 13 21.58 19.68 -3.76
N ILE A 14 22.09 19.52 -2.54
CA ILE A 14 23.35 20.17 -2.18
C ILE A 14 24.51 19.55 -2.95
N LEU A 15 24.41 18.29 -3.36
CA LEU A 15 25.56 17.71 -4.04
C LEU A 15 25.61 18.14 -5.50
N ARG A 16 24.46 18.15 -6.21
CA ARG A 16 24.54 18.44 -7.65
C ARG A 16 24.79 19.94 -7.89
N ASP A 17 24.05 20.82 -7.22
CA ASP A 17 24.42 22.23 -7.12
C ASP A 17 25.49 22.30 -6.05
N GLU A 18 26.24 23.40 -6.01
CA GLU A 18 27.25 23.61 -4.96
C GLU A 18 28.45 22.66 -5.01
N PHE A 19 28.36 21.57 -5.76
CA PHE A 19 29.50 20.65 -5.81
C PHE A 19 29.72 20.18 -7.24
N LEU A 20 28.71 19.50 -7.81
CA LEU A 20 28.87 19.01 -9.17
C LEU A 20 28.87 20.16 -10.17
N MET A 21 27.76 20.92 -10.22
CA MET A 21 27.71 22.19 -10.94
C MET A 21 28.96 23.04 -10.70
N GLU A 22 29.38 23.18 -9.45
CA GLU A 22 30.50 24.08 -9.14
C GLU A 22 31.78 23.64 -9.83
N PHE A 23 32.06 22.34 -9.87
CA PHE A 23 33.32 21.85 -10.42
C PHE A 23 33.17 21.17 -11.76
N ASP A 24 31.99 21.25 -12.37
CA ASP A 24 31.73 20.61 -13.65
C ASP A 24 32.08 19.14 -13.63
N ILE A 25 31.41 18.41 -12.74
CA ILE A 25 31.61 16.98 -12.59
C ILE A 25 30.28 16.29 -12.80
N SER A 26 30.23 15.35 -13.74
CA SER A 26 29.01 14.62 -14.00
C SER A 26 28.71 13.64 -12.85
N PRO A 27 27.45 13.22 -12.69
CA PRO A 27 27.17 12.14 -11.73
C PRO A 27 27.99 10.89 -12.00
N ALA A 28 28.14 10.50 -13.26
CA ALA A 28 28.88 9.30 -13.57
C ALA A 28 30.36 9.48 -13.25
N ALA A 29 30.86 10.71 -13.37
CA ALA A 29 32.29 10.91 -13.18
C ALA A 29 32.65 10.93 -11.71
N LEU A 30 31.79 11.52 -10.87
CA LEU A 30 32.02 11.48 -9.42
C LEU A 30 32.02 10.04 -8.91
N ALA A 31 31.06 9.23 -9.38
CA ALA A 31 31.01 7.84 -8.97
C ALA A 31 32.34 7.13 -9.22
N ARG A 32 32.94 7.34 -10.40
CA ARG A 32 34.22 6.69 -10.69
C ARG A 32 35.35 7.28 -9.85
N ALA A 33 35.30 8.58 -9.55
CA ALA A 33 36.27 9.11 -8.60
C ALA A 33 36.09 8.50 -7.20
N LEU A 34 34.89 8.00 -6.88
CA LEU A 34 34.58 7.51 -5.56
C LEU A 34 34.60 5.99 -5.47
N LYS A 35 34.97 5.30 -6.55
CA LYS A 35 34.92 3.82 -6.70
C LYS A 35 33.61 3.22 -6.20
N VAL A 36 32.53 3.88 -6.53
CA VAL A 36 31.20 3.39 -6.29
C VAL A 36 30.51 3.38 -7.65
N SER A 37 29.50 2.53 -7.77
CA SER A 37 28.70 2.44 -8.97
C SER A 37 28.10 3.80 -9.33
N ALA A 38 27.62 3.89 -10.56
CA ALA A 38 26.93 5.07 -11.03
C ALA A 38 25.50 5.23 -10.51
N PRO A 39 24.75 4.14 -10.28
CA PRO A 39 23.40 4.33 -9.69
C PRO A 39 23.45 4.89 -8.27
N THR A 40 24.52 4.65 -7.53
CA THR A 40 24.65 5.28 -6.24
C THR A 40 24.57 6.79 -6.37
N VAL A 41 25.48 7.39 -7.15
CA VAL A 41 25.48 8.85 -7.26
C VAL A 41 24.20 9.30 -7.96
N ASN A 42 23.73 8.55 -8.94
CA ASN A 42 22.60 9.05 -9.69
C ASN A 42 21.32 8.99 -8.87
N ASP A 43 21.18 7.98 -7.99
CA ASP A 43 20.04 7.94 -7.07
C ASP A 43 20.11 9.08 -6.06
N ILE A 44 21.30 9.39 -5.57
CA ILE A 44 21.44 10.49 -4.64
C ILE A 44 21.10 11.81 -5.33
N VAL A 45 21.66 12.02 -6.52
CA VAL A 45 21.52 13.30 -7.21
C VAL A 45 20.08 13.55 -7.64
N ARG A 46 19.38 12.52 -8.09
CA ARG A 46 17.94 12.60 -8.36
C ARG A 46 17.10 12.62 -7.10
N GLU A 47 17.74 12.66 -5.92
CA GLU A 47 17.07 12.69 -4.62
C GLU A 47 16.18 11.48 -4.40
N GLN A 48 16.68 10.30 -4.78
CA GLN A 48 15.98 9.03 -4.56
C GLN A 48 16.66 8.12 -3.55
N ARG A 49 17.90 8.42 -3.17
CA ARG A 49 18.65 7.68 -2.15
C ARG A 49 19.30 8.68 -1.21
N GLY A 50 19.34 8.37 0.09
CA GLY A 50 20.03 9.20 1.03
C GLY A 50 21.52 8.88 1.10
N ILE A 51 22.23 9.68 1.90
CA ILE A 51 23.68 9.51 2.03
C ILE A 51 23.92 8.48 3.12
N SER A 52 24.55 7.39 2.76
CA SER A 52 24.97 6.41 3.73
C SER A 52 26.22 6.91 4.45
N ALA A 53 26.51 6.30 5.59
CA ALA A 53 27.74 6.62 6.29
C ALA A 53 28.96 6.28 5.46
N ASP A 54 28.91 5.16 4.73
CA ASP A 54 29.92 4.90 3.71
C ASP A 54 30.08 6.11 2.79
N MET A 55 28.96 6.59 2.22
CA MET A 55 29.04 7.65 1.22
C MET A 55 29.45 8.98 1.83
N ALA A 56 29.05 9.25 3.09
CA ALA A 56 29.49 10.50 3.71
C ALA A 56 31.00 10.52 3.88
N ILE A 57 31.61 9.39 4.26
CA ILE A 57 33.07 9.35 4.37
C ILE A 57 33.72 9.63 3.01
N ARG A 58 33.19 9.01 1.95
CA ARG A 58 33.78 9.17 0.62
C ARG A 58 33.66 10.62 0.13
N LEU A 59 32.43 11.11 0.00
CA LEU A 59 32.19 12.51 -0.33
C LEU A 59 33.08 13.44 0.48
N GLY A 60 33.10 13.27 1.80
CA GLY A 60 33.95 14.11 2.63
C GLY A 60 35.41 14.02 2.24
N ARG A 61 35.88 12.80 1.96
CA ARG A 61 37.27 12.60 1.55
C ARG A 61 37.57 13.33 0.26
N TYR A 62 36.63 13.27 -0.69
CA TYR A 62 36.89 13.73 -2.06
C TYR A 62 36.79 15.25 -2.19
N PHE A 63 35.73 15.84 -1.63
CA PHE A 63 35.53 17.29 -1.67
C PHE A 63 36.16 18.00 -0.47
N ASP A 64 36.97 17.30 0.30
CA ASP A 64 37.64 17.88 1.47
C ASP A 64 36.65 18.56 2.43
N THR A 65 35.78 17.74 3.01
CA THR A 65 34.83 18.20 4.03
C THR A 65 34.73 17.10 5.05
N SER A 66 34.26 17.45 6.24
CA SER A 66 33.97 16.42 7.22
C SER A 66 32.95 15.44 6.63
N ALA A 67 33.00 14.18 7.09
CA ALA A 67 31.89 13.28 6.81
C ALA A 67 30.65 13.75 7.55
N GLN A 68 30.82 14.40 8.70
CA GLN A 68 29.69 14.96 9.44
C GLN A 68 28.91 15.97 8.62
N PHE A 69 29.60 16.74 7.76
CA PHE A 69 28.90 17.68 6.89
C PHE A 69 27.78 16.99 6.09
N TRP A 70 28.11 15.86 5.45
CA TRP A 70 27.11 15.12 4.66
C TRP A 70 26.11 14.40 5.55
N MET A 71 26.56 13.79 6.65
CA MET A 71 25.62 13.12 7.53
C MET A 71 24.59 14.14 8.05
N ASN A 72 25.04 15.37 8.30
CA ASN A 72 24.13 16.35 8.89
C ASN A 72 23.11 16.84 7.87
N LEU A 73 23.52 16.98 6.61
CA LEU A 73 22.55 17.25 5.57
C LEU A 73 21.51 16.13 5.52
N GLN A 74 21.96 14.87 5.56
CA GLN A 74 21.02 13.75 5.63
C GLN A 74 20.11 13.85 6.87
N SER A 75 20.69 14.19 8.04
CA SER A 75 19.91 14.25 9.29
C SER A 75 18.78 15.26 9.21
N GLU A 76 19.11 16.47 8.75
CA GLU A 76 18.12 17.54 8.67
C GLU A 76 17.03 17.17 7.68
N TYR A 77 17.38 16.46 6.61
CA TYR A 77 16.35 16.06 5.65
C TYR A 77 15.41 15.05 6.29
N SER A 78 15.96 13.94 6.82
CA SER A 78 15.14 12.97 7.55
C SER A 78 14.26 13.66 8.57
N LEU A 79 14.88 14.51 9.41
CA LEU A 79 14.13 15.22 10.46
C LEU A 79 12.99 16.03 9.86
N ALA A 80 13.30 16.86 8.86
CA ALA A 80 12.29 17.74 8.29
C ALA A 80 11.16 16.97 7.63
N THR A 81 11.47 15.87 6.94
CA THR A 81 10.36 15.10 6.36
C THR A 81 9.63 14.32 7.44
N ALA A 82 10.33 13.79 8.44
CA ALA A 82 9.65 13.07 9.52
C ALA A 82 8.66 13.97 10.24
N TYR A 83 9.13 15.11 10.74
CA TYR A 83 8.24 16.19 11.16
C TYR A 83 7.36 16.60 9.99
N ALA A 84 6.16 17.08 10.27
CA ALA A 84 5.28 17.45 9.19
C ALA A 84 4.63 16.18 8.68
N ALA A 85 5.41 15.11 8.51
CA ALA A 85 4.78 13.88 8.05
C ALA A 85 4.16 13.34 9.33
N ASN A 86 4.60 13.82 10.48
CA ASN A 86 4.13 13.28 11.75
C ASN A 86 4.51 14.15 12.94
N GLY A 87 5.01 15.36 12.68
CA GLY A 87 5.41 16.22 13.79
C GLY A 87 4.24 16.62 14.66
N LYS A 88 3.13 17.06 14.04
CA LYS A 88 2.02 17.54 14.86
C LYS A 88 1.47 16.45 15.79
N GLN A 89 1.33 15.21 15.31
CA GLN A 89 0.83 14.11 16.14
C GLN A 89 1.82 13.78 17.27
N ILE A 90 3.11 13.70 16.97
CA ILE A 90 4.11 13.42 18.01
C ILE A 90 4.01 14.44 19.14
N GLU A 91 3.94 15.72 18.77
CA GLU A 91 3.77 16.76 19.75
C GLU A 91 2.46 16.57 20.52
N HIS A 92 1.39 16.19 19.83
CA HIS A 92 0.11 16.10 20.50
C HIS A 92 0.05 14.94 21.49
N GLU A 93 0.74 13.83 21.18
CA GLU A 93 0.56 12.57 21.91
C GLU A 93 1.52 12.41 23.08
N ILE A 94 2.68 13.06 23.04
CA ILE A 94 3.69 12.95 24.09
C ILE A 94 3.71 14.24 24.89
N GLU A 95 3.74 14.12 26.22
CA GLU A 95 4.00 15.34 26.97
C GLU A 95 5.35 15.25 27.68
N PRO A 96 6.11 16.36 27.76
CA PRO A 96 7.48 16.31 28.29
C PRO A 96 7.50 16.32 29.81
N LEU A 97 8.70 16.43 30.38
CA LEU A 97 8.90 16.69 31.82
C LEU A 97 9.44 18.09 32.18
N GLY B 5 33.75 11.63 15.49
CA GLY B 5 33.47 10.40 16.21
C GLY B 5 34.52 9.34 15.96
N MET B 6 35.29 9.00 17.00
CA MET B 6 36.27 7.94 16.91
C MET B 6 36.01 6.62 17.62
N ARG B 7 35.59 6.70 18.88
CA ARG B 7 35.24 5.48 19.61
C ARG B 7 33.72 5.47 19.41
N PRO B 8 33.14 4.35 18.95
CA PRO B 8 31.71 4.34 18.67
C PRO B 8 30.90 4.28 19.97
N ILE B 9 30.03 5.26 20.15
CA ILE B 9 29.10 5.29 21.28
C ILE B 9 27.72 5.05 20.70
N HIS B 10 27.13 3.91 21.00
CA HIS B 10 25.78 3.66 20.55
C HIS B 10 24.86 4.64 21.23
N PRO B 11 23.93 5.27 20.51
CA PRO B 11 23.03 6.24 21.13
C PRO B 11 22.29 5.69 22.33
N GLY B 12 21.90 4.41 22.28
CA GLY B 12 21.16 3.83 23.36
C GLY B 12 21.91 3.89 24.68
N GLU B 13 23.24 3.75 24.62
CA GLU B 13 24.07 3.89 25.81
C GLU B 13 23.90 5.27 26.43
N ILE B 14 23.89 6.32 25.61
CA ILE B 14 23.62 7.65 26.17
C ILE B 14 22.19 7.71 26.70
N LEU B 15 21.26 6.98 26.05
CA LEU B 15 19.86 6.99 26.46
C LEU B 15 19.70 6.37 27.84
N ARG B 16 20.43 5.29 28.12
CA ARG B 16 20.27 4.70 29.43
C ARG B 16 21.22 5.34 30.47
N ASP B 17 22.44 5.72 30.07
CA ASP B 17 23.41 6.28 31.02
C ASP B 17 23.07 7.71 31.46
N GLU B 18 22.64 8.59 30.56
CA GLU B 18 22.34 9.97 30.97
C GLU B 18 20.86 10.29 31.06
N PHE B 19 19.97 9.36 30.75
CA PHE B 19 18.55 9.71 30.85
C PHE B 19 17.79 8.69 31.71
N LEU B 20 17.66 7.45 31.24
CA LEU B 20 16.92 6.46 32.00
C LEU B 20 17.45 6.32 33.42
N MET B 21 18.78 6.32 33.58
CA MET B 21 19.43 6.20 34.87
C MET B 21 19.50 7.50 35.64
N GLU B 22 19.12 8.61 35.03
CA GLU B 22 19.05 9.90 35.70
C GLU B 22 17.68 10.19 36.27
N PHE B 23 16.62 9.72 35.61
CA PHE B 23 15.27 9.96 36.11
C PHE B 23 14.63 8.68 36.62
N ASP B 24 15.42 7.64 36.86
CA ASP B 24 14.89 6.34 37.28
C ASP B 24 13.66 5.99 36.44
N ILE B 25 13.87 5.95 35.13
CA ILE B 25 12.84 5.54 34.18
C ILE B 25 13.21 4.17 33.64
N SER B 26 12.16 3.29 33.45
CA SER B 26 12.49 1.99 32.88
C SER B 26 12.20 1.98 31.38
N PRO B 27 12.85 1.09 30.62
CA PRO B 27 12.55 1.03 29.18
C PRO B 27 11.06 0.92 28.89
N ALA B 28 10.32 0.16 29.69
CA ALA B 28 8.89 0.02 29.42
C ALA B 28 8.15 1.32 29.69
N ALA B 29 8.53 2.02 30.75
CA ALA B 29 7.91 3.31 31.05
C ALA B 29 8.12 4.27 29.90
N LEU B 30 9.38 4.46 29.49
CA LEU B 30 9.71 5.40 28.44
C LEU B 30 8.85 5.17 27.20
N ALA B 31 8.62 3.91 26.86
CA ALA B 31 7.85 3.61 25.65
C ALA B 31 6.40 4.05 25.81
N ARG B 32 5.80 3.74 26.95
CA ARG B 32 4.46 4.22 27.26
C ARG B 32 4.40 5.74 27.21
N ALA B 33 5.43 6.42 27.73
CA ALA B 33 5.47 7.87 27.66
C ALA B 33 5.60 8.36 26.22
N LEU B 34 6.36 7.64 25.38
CA LEU B 34 6.61 8.06 23.99
C LEU B 34 5.56 7.52 23.02
N LYS B 35 4.62 6.72 23.51
CA LYS B 35 3.56 6.16 22.67
C LYS B 35 4.11 5.24 21.58
N VAL B 36 5.12 4.43 21.93
CA VAL B 36 5.64 3.41 21.03
C VAL B 36 5.64 2.07 21.78
N SER B 37 5.87 1.00 21.03
CA SER B 37 5.86 -0.31 21.66
C SER B 37 7.11 -0.51 22.50
N ALA B 38 7.00 -1.39 23.49
CA ALA B 38 8.11 -1.74 24.37
C ALA B 38 9.39 -2.13 23.63
N PRO B 39 9.36 -2.98 22.60
CA PRO B 39 10.62 -3.35 21.92
C PRO B 39 11.33 -2.18 21.27
N THR B 40 10.59 -1.15 20.86
CA THR B 40 11.21 -0.01 20.19
C THR B 40 12.17 0.72 21.13
N VAL B 41 11.75 1.02 22.37
CA VAL B 41 12.70 1.58 23.33
C VAL B 41 13.64 0.50 23.82
N ASN B 42 13.17 -0.72 24.02
CA ASN B 42 14.06 -1.68 24.67
C ASN B 42 15.25 -2.02 23.79
N ASP B 43 15.05 -2.19 22.49
CA ASP B 43 16.15 -2.54 21.60
C ASP B 43 17.13 -1.38 21.35
N ILE B 44 16.69 -0.13 21.43
CA ILE B 44 17.67 0.96 21.44
C ILE B 44 18.53 0.86 22.70
N VAL B 45 17.88 0.57 23.83
CA VAL B 45 18.57 0.51 25.12
C VAL B 45 19.61 -0.62 25.12
N ARG B 46 19.25 -1.77 24.55
CA ARG B 46 20.18 -2.88 24.40
C ARG B 46 21.16 -2.64 23.29
N GLU B 47 21.16 -1.44 22.69
CA GLU B 47 22.08 -1.08 21.62
C GLU B 47 21.93 -2.01 20.42
N GLN B 48 20.71 -2.45 20.14
CA GLN B 48 20.44 -3.35 19.02
C GLN B 48 19.62 -2.69 17.92
N ARG B 49 19.40 -1.38 18.03
CA ARG B 49 18.56 -0.62 17.13
C ARG B 49 18.99 0.83 17.21
N GLY B 50 19.12 1.47 16.05
CA GLY B 50 19.52 2.85 16.03
C GLY B 50 18.35 3.81 16.25
N ILE B 51 18.68 5.10 16.22
CA ILE B 51 17.69 6.14 16.43
C ILE B 51 17.12 6.53 15.08
N SER B 52 15.83 6.29 14.88
CA SER B 52 15.18 6.80 13.69
C SER B 52 14.84 8.27 13.89
N ALA B 53 14.59 8.95 12.77
CA ALA B 53 14.14 10.33 12.82
C ALA B 53 12.83 10.46 13.60
N ASP B 54 11.93 9.49 13.49
CA ASP B 54 10.71 9.56 14.28
C ASP B 54 11.04 9.48 15.77
N MET B 55 11.96 8.58 16.15
CA MET B 55 12.29 8.43 17.56
C MET B 55 13.12 9.60 18.08
N ALA B 56 13.94 10.20 17.21
CA ALA B 56 14.70 11.39 17.60
C ALA B 56 13.77 12.53 17.96
N ILE B 57 12.69 12.69 17.18
CA ILE B 57 11.66 13.68 17.51
C ILE B 57 10.97 13.32 18.83
N ARG B 58 10.56 12.04 18.98
CA ARG B 58 9.89 11.62 20.21
C ARG B 58 10.78 11.84 21.44
N LEU B 59 12.05 11.45 21.35
CA LEU B 59 12.96 11.58 22.48
C LEU B 59 13.23 13.05 22.80
N GLY B 60 13.58 13.84 21.78
CA GLY B 60 13.76 15.27 21.99
C GLY B 60 12.54 15.91 22.60
N ARG B 61 11.37 15.66 22.02
CA ARG B 61 10.13 16.18 22.60
C ARG B 61 10.07 15.89 24.09
N TYR B 62 10.18 14.60 24.46
CA TYR B 62 9.92 14.16 25.83
C TYR B 62 11.01 14.59 26.80
N PHE B 63 12.26 14.67 26.36
CA PHE B 63 13.37 15.02 27.25
C PHE B 63 13.80 16.47 27.11
N ASP B 64 13.00 17.30 26.44
CA ASP B 64 13.31 18.70 26.15
C ASP B 64 14.74 18.84 25.60
N THR B 65 15.03 18.08 24.56
CA THR B 65 16.25 18.28 23.79
C THR B 65 15.89 18.55 22.34
N SER B 66 16.86 19.02 21.57
CA SER B 66 16.65 19.07 20.12
C SER B 66 16.60 17.64 19.57
N ALA B 67 15.72 17.41 18.59
CA ALA B 67 15.75 16.15 17.86
C ALA B 67 17.10 15.93 17.19
N GLN B 68 17.77 17.03 16.79
CA GLN B 68 19.12 16.94 16.20
C GLN B 68 20.09 16.28 17.15
N PHE B 69 19.92 16.49 18.46
CA PHE B 69 20.85 15.92 19.41
C PHE B 69 20.90 14.40 19.28
N TRP B 70 19.74 13.80 19.01
CA TRP B 70 19.67 12.34 18.88
C TRP B 70 20.13 11.88 17.51
N MET B 71 19.74 12.60 16.43
CA MET B 71 20.27 12.24 15.12
C MET B 71 21.78 12.38 15.08
N ASN B 72 22.32 13.36 15.82
CA ASN B 72 23.76 13.58 15.79
C ASN B 72 24.48 12.47 16.53
N LEU B 73 23.90 12.01 17.65
CA LEU B 73 24.42 10.83 18.34
C LEU B 73 24.40 9.62 17.42
N GLN B 74 23.25 9.36 16.78
CA GLN B 74 23.16 8.26 15.83
C GLN B 74 24.16 8.44 14.69
N SER B 75 24.38 9.69 14.30
CA SER B 75 25.26 9.98 13.17
C SER B 75 26.71 9.67 13.50
N GLU B 76 27.14 9.98 14.73
CA GLU B 76 28.53 9.72 15.10
C GLU B 76 28.78 8.24 15.26
N TYR B 77 27.77 7.50 15.73
CA TYR B 77 27.95 6.07 15.87
C TYR B 77 28.08 5.40 14.52
N SER B 78 27.24 5.79 13.53
CA SER B 78 27.34 5.18 12.20
C SER B 78 28.66 5.56 11.52
N LEU B 79 29.09 6.81 11.67
CA LEU B 79 30.36 7.22 11.06
C LEU B 79 31.53 6.47 11.67
N ALA B 80 31.63 6.51 13.00
CA ALA B 80 32.72 5.82 13.68
C ALA B 80 32.73 4.34 13.34
N THR B 81 31.55 3.74 13.20
CA THR B 81 31.49 2.34 12.80
C THR B 81 31.90 2.16 11.35
N ALA B 82 31.37 2.98 10.45
CA ALA B 82 31.78 2.90 9.05
C ALA B 82 33.28 3.15 8.91
N TYR B 83 33.79 4.21 9.51
CA TYR B 83 35.23 4.32 9.64
C TYR B 83 35.75 3.14 10.49
N ALA B 84 37.06 3.00 10.54
CA ALA B 84 37.63 1.91 11.32
C ALA B 84 37.30 0.58 10.67
N ALA B 85 36.09 0.43 10.11
CA ALA B 85 35.80 -0.85 9.49
C ALA B 85 36.43 -0.73 8.10
N ASN B 86 36.13 0.38 7.38
CA ASN B 86 36.76 0.58 6.09
C ASN B 86 37.00 2.04 5.73
N GLY B 87 37.25 2.92 6.69
CA GLY B 87 38.02 4.11 6.40
C GLY B 87 39.47 3.66 6.30
N LYS B 88 40.40 4.62 6.15
CA LYS B 88 41.78 4.39 5.72
C LYS B 88 41.77 3.76 4.34
N GLN B 89 41.03 2.69 4.14
CA GLN B 89 41.02 2.08 2.84
C GLN B 89 40.41 3.05 1.88
N ILE B 90 39.30 3.62 2.29
CA ILE B 90 38.60 4.61 1.46
C ILE B 90 39.48 5.82 1.20
N GLU B 91 40.24 6.28 2.22
CA GLU B 91 41.21 7.35 2.02
C GLU B 91 42.33 6.92 1.07
N HIS B 92 42.70 5.65 1.11
CA HIS B 92 43.71 5.15 0.20
C HIS B 92 43.12 4.63 -1.12
N GLU B 93 41.80 4.50 -1.20
CA GLU B 93 41.11 4.16 -2.45
C GLU B 93 40.80 5.41 -3.28
N ILE B 94 40.50 6.53 -2.64
CA ILE B 94 40.13 7.78 -3.31
C ILE B 94 41.24 8.80 -3.15
N GLU B 95 41.65 9.46 -4.28
CA GLU B 95 42.40 10.69 -4.10
C GLU B 95 41.48 11.90 -4.22
N PRO B 96 41.66 12.95 -3.41
CA PRO B 96 40.68 14.05 -3.41
C PRO B 96 40.83 14.99 -4.59
N LEU B 97 39.69 15.58 -4.97
CA LEU B 97 39.54 16.50 -6.08
C LEU B 97 40.60 17.60 -6.19
N GLY C 5 -1.32 33.20 -16.77
CA GLY C 5 -1.25 34.51 -17.35
C GLY C 5 -2.62 35.07 -17.61
N MET C 6 -2.77 36.39 -17.52
CA MET C 6 -4.08 37.01 -17.72
C MET C 6 -4.48 37.00 -19.19
N ARG C 7 -3.74 37.68 -20.03
CA ARG C 7 -4.20 37.84 -21.40
C ARG C 7 -4.16 36.51 -22.14
N PRO C 8 -5.26 36.10 -22.78
CA PRO C 8 -5.28 34.78 -23.42
C PRO C 8 -4.48 34.81 -24.73
N ILE C 9 -3.51 33.91 -24.83
CA ILE C 9 -2.73 33.72 -26.04
C ILE C 9 -3.05 32.31 -26.57
N HIS C 10 -3.75 32.26 -27.70
CA HIS C 10 -4.08 30.97 -28.29
C HIS C 10 -2.81 30.30 -28.79
N PRO C 11 -2.64 29.00 -28.57
CA PRO C 11 -1.41 28.35 -29.05
C PRO C 11 -1.27 28.43 -30.55
N GLY C 12 -2.37 28.70 -31.27
CA GLY C 12 -2.28 28.96 -32.69
C GLY C 12 -1.38 30.13 -33.03
N GLU C 13 -1.49 31.23 -32.26
CA GLU C 13 -0.63 32.37 -32.52
C GLU C 13 0.83 31.97 -32.45
N ILE C 14 1.19 31.19 -31.44
CA ILE C 14 2.57 30.77 -31.30
C ILE C 14 2.93 29.79 -32.41
N LEU C 15 2.03 28.86 -32.71
CA LEU C 15 2.31 27.91 -33.77
C LEU C 15 2.59 28.63 -35.10
N ARG C 16 1.79 29.63 -35.44
CA ARG C 16 2.06 30.32 -36.69
C ARG C 16 3.15 31.39 -36.55
N ASP C 17 3.35 32.00 -35.39
CA ASP C 17 4.31 33.10 -35.36
C ASP C 17 5.75 32.69 -35.05
N GLU C 18 5.97 31.64 -34.24
CA GLU C 18 7.34 31.28 -33.91
C GLU C 18 7.79 30.02 -34.62
N PHE C 19 6.95 29.47 -35.49
CA PHE C 19 7.26 28.19 -36.13
C PHE C 19 6.90 28.22 -37.60
N LEU C 20 5.62 28.41 -37.94
CA LEU C 20 5.26 28.44 -39.35
C LEU C 20 6.00 29.55 -40.08
N MET C 21 5.83 30.80 -39.63
CA MET C 21 6.49 31.94 -40.26
C MET C 21 8.01 31.86 -40.20
N GLU C 22 8.59 31.01 -39.35
CA GLU C 22 10.04 30.98 -39.20
C GLU C 22 10.71 29.85 -39.94
N PHE C 23 9.98 28.76 -40.21
CA PHE C 23 10.47 27.70 -41.08
C PHE C 23 9.79 27.74 -42.44
N ASP C 24 8.92 28.72 -42.67
CA ASP C 24 8.19 28.89 -43.92
C ASP C 24 7.41 27.61 -44.28
N ILE C 25 6.46 27.26 -43.41
CA ILE C 25 5.63 26.09 -43.59
C ILE C 25 4.17 26.51 -43.64
N SER C 26 3.47 25.99 -44.61
CA SER C 26 2.03 26.17 -44.66
C SER C 26 1.34 25.16 -43.73
N PRO C 27 0.14 25.50 -43.24
CA PRO C 27 -0.62 24.51 -42.44
C PRO C 27 -0.86 23.21 -43.17
N ALA C 28 -1.07 23.26 -44.49
CA ALA C 28 -1.19 22.05 -45.29
C ALA C 28 0.10 21.23 -45.23
N ALA C 29 1.23 21.85 -45.51
CA ALA C 29 2.50 21.14 -45.37
C ALA C 29 2.67 20.60 -43.95
N LEU C 30 2.35 21.40 -42.93
CA LEU C 30 2.46 20.90 -41.56
C LEU C 30 1.54 19.70 -41.35
N ALA C 31 0.29 19.80 -41.82
CA ALA C 31 -0.68 18.73 -41.59
C ALA C 31 -0.21 17.40 -42.16
N ARG C 32 0.38 17.42 -43.36
CA ARG C 32 0.92 16.17 -43.91
C ARG C 32 2.17 15.75 -43.17
N ALA C 33 2.98 16.71 -42.74
CA ALA C 33 4.14 16.39 -41.94
C ALA C 33 3.73 15.76 -40.61
N LEU C 34 2.57 16.12 -40.06
CA LEU C 34 2.11 15.55 -38.80
C LEU C 34 1.11 14.40 -39.01
N LYS C 35 0.77 14.08 -40.26
CA LYS C 35 -0.15 13.00 -40.57
C LYS C 35 -1.50 13.18 -39.88
N VAL C 36 -2.04 14.40 -39.95
CA VAL C 36 -3.40 14.67 -39.48
C VAL C 36 -4.15 15.38 -40.60
N SER C 37 -5.48 15.35 -40.52
CA SER C 37 -6.31 16.03 -41.49
C SER C 37 -5.93 17.51 -41.59
N ALA C 38 -6.07 18.07 -42.79
CA ALA C 38 -5.75 19.48 -42.96
C ALA C 38 -6.56 20.40 -42.05
N PRO C 39 -7.87 20.24 -41.88
CA PRO C 39 -8.60 21.16 -40.99
C PRO C 39 -8.20 21.05 -39.53
N THR C 40 -7.44 20.02 -39.15
CA THR C 40 -6.94 19.96 -37.77
C THR C 40 -5.88 21.02 -37.54
N VAL C 41 -4.94 21.17 -38.48
CA VAL C 41 -3.92 22.19 -38.33
C VAL C 41 -4.49 23.56 -38.62
N ASN C 42 -5.43 23.67 -39.56
CA ASN C 42 -5.93 25.02 -39.84
C ASN C 42 -6.89 25.53 -38.78
N ASP C 43 -7.68 24.65 -38.15
CA ASP C 43 -8.50 25.10 -37.03
C ASP C 43 -7.63 25.65 -35.91
N ILE C 44 -6.51 24.98 -35.63
CA ILE C 44 -5.60 25.42 -34.59
C ILE C 44 -5.01 26.77 -34.94
N VAL C 45 -4.56 26.91 -36.19
CA VAL C 45 -3.92 28.13 -36.64
C VAL C 45 -4.92 29.28 -36.71
N ARG C 46 -6.20 29.00 -36.95
CA ARG C 46 -7.26 30.01 -36.88
C ARG C 46 -7.76 30.25 -35.47
N GLU C 47 -7.10 29.66 -34.46
CA GLU C 47 -7.48 29.83 -33.05
C GLU C 47 -8.91 29.35 -32.80
N GLN C 48 -9.33 28.33 -33.54
CA GLN C 48 -10.64 27.72 -33.33
C GLN C 48 -10.56 26.31 -32.76
N ARG C 49 -9.36 25.78 -32.54
CA ARG C 49 -9.21 24.49 -31.89
C ARG C 49 -8.07 24.59 -30.89
N GLY C 50 -8.26 24.00 -29.71
CA GLY C 50 -7.17 23.85 -28.77
C GLY C 50 -6.25 22.70 -29.14
N ILE C 51 -5.14 22.58 -28.42
CA ILE C 51 -4.15 21.56 -28.72
C ILE C 51 -4.44 20.37 -27.83
N SER C 52 -4.79 19.24 -28.46
CA SER C 52 -4.96 18.01 -27.72
C SER C 52 -3.60 17.46 -27.28
N ALA C 53 -3.64 16.53 -26.34
CA ALA C 53 -2.40 15.87 -25.95
C ALA C 53 -1.76 15.19 -27.15
N ASP C 54 -2.58 14.65 -28.05
CA ASP C 54 -2.05 14.04 -29.26
C ASP C 54 -1.28 15.05 -30.11
N MET C 55 -1.93 16.15 -30.47
CA MET C 55 -1.25 17.20 -31.24
C MET C 55 -0.01 17.71 -30.51
N ALA C 56 -0.05 17.80 -29.18
CA ALA C 56 1.13 18.24 -28.45
C ALA C 56 2.31 17.33 -28.74
N ILE C 57 2.07 16.01 -28.66
CA ILE C 57 3.13 15.04 -28.96
C ILE C 57 3.60 15.17 -30.41
N ARG C 58 2.65 15.39 -31.33
CA ARG C 58 3.02 15.50 -32.75
C ARG C 58 3.86 16.75 -32.99
N LEU C 59 3.39 17.91 -32.50
CA LEU C 59 4.14 19.14 -32.66
C LEU C 59 5.50 19.01 -32.00
N GLY C 60 5.55 18.45 -30.79
CA GLY C 60 6.83 18.28 -30.12
C GLY C 60 7.80 17.43 -30.91
N ARG C 61 7.33 16.27 -31.37
CA ARG C 61 8.15 15.42 -32.22
C ARG C 61 8.68 16.17 -33.44
N TYR C 62 7.82 16.96 -34.10
CA TYR C 62 8.16 17.60 -35.36
C TYR C 62 9.05 18.83 -35.18
N PHE C 63 8.76 19.69 -34.19
CA PHE C 63 9.54 20.91 -34.03
C PHE C 63 10.63 20.77 -32.98
N ASP C 64 10.91 19.55 -32.54
CA ASP C 64 11.92 19.28 -31.54
C ASP C 64 11.75 20.20 -30.34
N THR C 65 10.54 20.23 -29.83
CA THR C 65 10.22 20.79 -28.53
C THR C 65 9.64 19.68 -27.68
N SER C 66 9.54 19.92 -26.37
CA SER C 66 8.79 18.99 -25.54
C SER C 66 7.31 19.08 -25.92
N ALA C 67 6.57 18.02 -25.59
CA ALA C 67 5.12 18.13 -25.74
C ALA C 67 4.51 18.92 -24.59
N GLN C 68 5.20 19.00 -23.46
CA GLN C 68 4.69 19.82 -22.37
C GLN C 68 4.60 21.29 -22.80
N PHE C 69 5.58 21.77 -23.58
CA PHE C 69 5.55 23.15 -24.05
C PHE C 69 4.23 23.48 -24.71
N TRP C 70 3.81 22.65 -25.67
CA TRP C 70 2.52 22.86 -26.33
C TRP C 70 1.35 22.75 -25.36
N MET C 71 1.39 21.75 -24.46
CA MET C 71 0.31 21.61 -23.49
C MET C 71 0.27 22.80 -22.55
N ASN C 72 1.43 23.32 -22.13
CA ASN C 72 1.45 24.50 -21.27
C ASN C 72 0.91 25.74 -21.98
N LEU C 73 1.23 25.90 -23.28
CA LEU C 73 0.57 26.95 -24.04
C LEU C 73 -0.94 26.77 -24.03
N GLN C 74 -1.43 25.52 -24.14
CA GLN C 74 -2.87 25.32 -24.03
C GLN C 74 -3.37 25.64 -22.63
N SER C 75 -2.63 25.24 -21.58
CA SER C 75 -3.07 25.53 -20.22
C SER C 75 -3.23 27.03 -19.98
N GLU C 76 -2.26 27.83 -20.45
CA GLU C 76 -2.33 29.27 -20.24
C GLU C 76 -3.57 29.85 -20.91
N TYR C 77 -3.86 29.39 -22.14
CA TYR C 77 -5.02 29.88 -22.86
C TYR C 77 -6.31 29.49 -22.17
N SER C 78 -6.45 28.18 -21.85
CA SER C 78 -7.59 27.71 -21.06
C SER C 78 -7.76 28.51 -19.79
N LEU C 79 -6.71 28.58 -18.97
CA LEU C 79 -6.76 29.34 -17.73
C LEU C 79 -7.13 30.80 -17.96
N ALA C 80 -6.48 31.46 -18.94
CA ALA C 80 -6.72 32.87 -19.11
C ALA C 80 -8.13 33.14 -19.59
N THR C 81 -8.69 32.22 -20.39
CA THR C 81 -10.08 32.39 -20.83
C THR C 81 -11.09 32.15 -19.71
N ALA C 82 -10.95 31.05 -18.95
CA ALA C 82 -11.86 30.78 -17.85
C ALA C 82 -11.85 31.92 -16.84
N TYR C 83 -10.67 32.35 -16.42
CA TYR C 83 -10.56 33.59 -15.66
C TYR C 83 -10.96 34.74 -16.57
N ALA C 84 -11.48 35.80 -15.96
CA ALA C 84 -11.97 36.97 -16.71
C ALA C 84 -13.19 36.56 -17.51
N ALA C 85 -13.67 35.34 -17.29
CA ALA C 85 -15.01 34.95 -17.73
C ALA C 85 -15.78 34.61 -16.45
N ASN C 86 -15.08 34.48 -15.32
CA ASN C 86 -15.67 34.04 -14.05
C ASN C 86 -14.73 34.24 -12.87
N GLY C 87 -13.48 34.61 -13.14
CA GLY C 87 -12.45 34.54 -12.11
C GLY C 87 -12.76 35.40 -10.89
N LYS C 88 -13.19 36.64 -11.12
CA LYS C 88 -13.52 37.53 -10.01
C LYS C 88 -14.60 36.90 -9.13
N GLN C 89 -15.68 36.43 -9.76
CA GLN C 89 -16.79 35.84 -9.03
C GLN C 89 -16.40 34.53 -8.34
N ILE C 90 -15.51 33.74 -8.95
CA ILE C 90 -14.96 32.59 -8.23
C ILE C 90 -14.28 33.05 -6.95
N GLU C 91 -13.52 34.13 -7.01
CA GLU C 91 -12.81 34.61 -5.83
C GLU C 91 -13.76 35.13 -4.76
N HIS C 92 -14.85 35.78 -5.18
CA HIS C 92 -15.85 36.20 -4.20
C HIS C 92 -16.66 35.02 -3.68
N GLU C 93 -16.86 33.99 -4.50
CA GLU C 93 -17.70 32.86 -4.11
C GLU C 93 -17.02 31.95 -3.10
N ILE C 94 -15.70 31.81 -3.17
CA ILE C 94 -14.96 30.79 -2.45
C ILE C 94 -14.00 31.48 -1.47
N GLU C 95 -14.14 31.19 -0.16
CA GLU C 95 -13.07 31.72 0.67
C GLU C 95 -12.10 30.61 1.07
N PRO C 96 -10.78 30.88 1.09
CA PRO C 96 -9.80 29.79 1.23
C PRO C 96 -9.74 29.25 2.65
N LEU C 97 -8.81 28.33 2.92
CA LEU C 97 -8.51 27.92 4.31
C LEU C 97 -7.49 28.79 5.05
N MET D 6 7.17 8.18 -13.56
CA MET D 6 6.73 6.79 -13.67
C MET D 6 5.27 6.71 -14.10
N ARG D 7 4.54 5.90 -13.34
CA ARG D 7 3.10 5.73 -13.45
C ARG D 7 2.36 7.04 -13.69
N PRO D 8 1.56 7.13 -14.76
CA PRO D 8 0.62 8.26 -14.86
C PRO D 8 -0.26 8.41 -13.63
N ILE D 9 -0.17 9.59 -13.02
CA ILE D 9 -0.86 9.91 -11.77
C ILE D 9 -2.08 10.77 -12.10
N HIS D 10 -3.27 10.22 -11.96
CA HIS D 10 -4.45 11.04 -12.17
C HIS D 10 -4.45 12.19 -11.17
N PRO D 11 -4.86 13.40 -11.58
CA PRO D 11 -4.90 14.51 -10.62
C PRO D 11 -5.77 14.26 -9.43
N GLY D 12 -6.83 13.46 -9.59
CA GLY D 12 -7.66 13.11 -8.44
C GLY D 12 -6.89 12.42 -7.32
N GLU D 13 -5.87 11.63 -7.69
CA GLU D 13 -5.04 10.99 -6.67
C GLU D 13 -4.34 12.01 -5.80
N ILE D 14 -3.83 13.10 -6.38
CA ILE D 14 -3.22 14.13 -5.56
C ILE D 14 -4.28 14.86 -4.75
N LEU D 15 -5.40 15.18 -5.39
CA LEU D 15 -6.46 15.86 -4.65
C LEU D 15 -6.82 15.12 -3.38
N ARG D 16 -7.12 13.82 -3.48
CA ARG D 16 -7.62 13.13 -2.29
C ARG D 16 -6.51 12.78 -1.31
N ASP D 17 -5.33 12.34 -1.78
CA ASP D 17 -4.30 11.89 -0.86
C ASP D 17 -3.51 13.04 -0.24
N GLU D 18 -3.33 14.16 -0.92
CA GLU D 18 -2.51 15.23 -0.36
C GLU D 18 -3.31 16.47 0.02
N PHE D 19 -4.61 16.51 -0.23
CA PHE D 19 -5.42 17.64 0.20
C PHE D 19 -6.65 17.20 1.00
N LEU D 20 -7.50 16.33 0.47
CA LEU D 20 -8.65 15.89 1.25
C LEU D 20 -8.20 15.13 2.51
N MET D 21 -7.15 14.33 2.39
CA MET D 21 -6.72 13.51 3.51
C MET D 21 -5.85 14.27 4.50
N GLU D 22 -5.23 15.38 4.09
CA GLU D 22 -4.45 16.12 5.07
C GLU D 22 -5.31 17.07 5.88
N PHE D 23 -6.51 17.37 5.40
CA PHE D 23 -7.42 18.26 6.13
C PHE D 23 -8.71 17.57 6.51
N ASP D 24 -8.82 16.28 6.27
CA ASP D 24 -10.01 15.50 6.59
C ASP D 24 -11.27 16.18 6.03
N ILE D 25 -11.22 16.50 4.75
CA ILE D 25 -12.35 17.07 4.03
C ILE D 25 -12.90 15.99 3.11
N SER D 26 -14.19 15.72 3.22
CA SER D 26 -14.86 14.80 2.32
C SER D 26 -15.06 15.45 0.96
N PRO D 27 -15.21 14.65 -0.10
CA PRO D 27 -15.49 15.26 -1.40
C PRO D 27 -16.75 16.08 -1.37
N ALA D 28 -17.76 15.63 -0.63
CA ALA D 28 -19.01 16.37 -0.65
C ALA D 28 -18.86 17.69 0.09
N ALA D 29 -17.96 17.76 1.06
CA ALA D 29 -17.72 19.03 1.75
C ALA D 29 -16.94 19.99 0.86
N LEU D 30 -15.95 19.48 0.14
CA LEU D 30 -15.18 20.34 -0.77
C LEU D 30 -16.09 20.94 -1.84
N ALA D 31 -17.06 20.17 -2.33
CA ALA D 31 -17.93 20.67 -3.38
C ALA D 31 -18.71 21.88 -2.90
N ARG D 32 -19.21 21.81 -1.66
CA ARG D 32 -19.86 22.97 -1.05
C ARG D 32 -18.91 24.16 -0.96
N ALA D 33 -17.65 23.93 -0.58
CA ALA D 33 -16.72 25.04 -0.45
C ALA D 33 -16.39 25.62 -1.81
N LEU D 34 -16.35 24.79 -2.84
CA LEU D 34 -16.01 25.29 -4.16
C LEU D 34 -17.24 25.78 -4.89
N LYS D 35 -18.41 25.63 -4.30
CA LYS D 35 -19.68 25.95 -4.95
C LYS D 35 -19.80 25.26 -6.33
N VAL D 36 -19.56 23.94 -6.36
CA VAL D 36 -19.90 23.11 -7.50
C VAL D 36 -20.74 21.94 -7.00
N SER D 37 -21.33 21.23 -7.94
CA SER D 37 -22.16 20.11 -7.55
C SER D 37 -21.29 18.97 -7.04
N ALA D 38 -21.88 18.13 -6.20
CA ALA D 38 -21.12 17.06 -5.57
C ALA D 38 -20.48 16.11 -6.58
N PRO D 39 -21.15 15.69 -7.65
CA PRO D 39 -20.47 14.78 -8.59
C PRO D 39 -19.25 15.40 -9.22
N THR D 40 -19.20 16.72 -9.33
CA THR D 40 -18.05 17.37 -9.96
C THR D 40 -16.77 17.08 -9.16
N VAL D 41 -16.81 17.26 -7.85
CA VAL D 41 -15.63 16.91 -7.06
C VAL D 41 -15.49 15.40 -6.95
N ASN D 42 -16.58 14.69 -6.71
CA ASN D 42 -16.46 13.26 -6.44
C ASN D 42 -15.89 12.50 -7.66
N ASP D 43 -16.23 12.93 -8.87
CA ASP D 43 -15.73 12.21 -10.05
C ASP D 43 -14.23 12.42 -10.26
N ILE D 44 -13.69 13.60 -9.92
CA ILE D 44 -12.24 13.77 -9.92
C ILE D 44 -11.60 12.86 -8.87
N VAL D 45 -12.19 12.78 -7.68
CA VAL D 45 -11.62 11.95 -6.63
C VAL D 45 -11.57 10.48 -7.06
N ARG D 46 -12.69 9.96 -7.59
CA ARG D 46 -12.59 8.60 -8.14
C ARG D 46 -11.81 8.54 -9.46
N GLU D 47 -11.08 9.56 -9.92
CA GLU D 47 -10.22 9.46 -11.11
C GLU D 47 -11.02 9.16 -12.39
N GLN D 48 -12.26 9.62 -12.41
CA GLN D 48 -13.16 9.47 -13.54
C GLN D 48 -13.49 10.79 -14.24
N ARG D 49 -12.93 11.90 -13.79
CA ARG D 49 -13.10 13.17 -14.45
C ARG D 49 -11.79 13.92 -14.34
N GLY D 50 -11.47 14.71 -15.35
CA GLY D 50 -10.26 15.50 -15.29
C GLY D 50 -10.53 16.82 -14.64
N ILE D 51 -9.49 17.67 -14.62
CA ILE D 51 -9.55 18.99 -14.01
C ILE D 51 -9.79 20.02 -15.10
N SER D 52 -10.96 20.64 -15.11
CA SER D 52 -11.21 21.74 -16.02
C SER D 52 -10.44 22.99 -15.56
N ALA D 53 -10.19 23.89 -16.52
CA ALA D 53 -9.63 25.18 -16.17
C ALA D 53 -10.40 25.82 -15.01
N ASP D 54 -11.73 25.80 -15.10
CA ASP D 54 -12.57 26.38 -14.06
C ASP D 54 -12.25 25.74 -12.70
N MET D 55 -12.24 24.41 -12.63
CA MET D 55 -11.99 23.78 -11.33
C MET D 55 -10.55 24.02 -10.87
N ALA D 56 -9.60 24.11 -11.79
CA ALA D 56 -8.24 24.46 -11.36
C ALA D 56 -8.23 25.84 -10.71
N ILE D 57 -9.07 26.74 -11.19
CA ILE D 57 -9.15 28.04 -10.54
C ILE D 57 -9.78 27.90 -9.17
N ARG D 58 -10.92 27.21 -9.09
CA ARG D 58 -11.55 27.01 -7.79
C ARG D 58 -10.60 26.32 -6.80
N LEU D 59 -9.93 25.25 -7.24
CA LEU D 59 -9.05 24.52 -6.34
C LEU D 59 -7.87 25.38 -5.90
N GLY D 60 -7.29 26.14 -6.86
CA GLY D 60 -6.17 26.99 -6.51
C GLY D 60 -6.57 28.05 -5.50
N ARG D 61 -7.73 28.64 -5.71
CA ARG D 61 -8.31 29.58 -4.77
C ARG D 61 -8.46 28.97 -3.38
N TYR D 62 -9.15 27.83 -3.28
CA TYR D 62 -9.48 27.26 -1.98
C TYR D 62 -8.23 26.79 -1.23
N PHE D 63 -7.46 25.90 -1.83
CA PHE D 63 -6.27 25.34 -1.20
C PHE D 63 -5.04 26.25 -1.31
N ASP D 64 -5.21 27.52 -1.66
CA ASP D 64 -4.13 28.49 -1.75
C ASP D 64 -2.98 27.97 -2.63
N THR D 65 -3.31 27.79 -3.89
CA THR D 65 -2.40 27.26 -4.86
C THR D 65 -2.56 28.11 -6.12
N SER D 66 -1.58 28.09 -7.02
CA SER D 66 -1.84 28.63 -8.34
C SER D 66 -2.81 27.72 -9.06
N ALA D 67 -3.60 28.30 -9.96
CA ALA D 67 -4.39 27.41 -10.81
C ALA D 67 -3.49 26.55 -11.68
N GLN D 68 -2.25 26.97 -11.95
CA GLN D 68 -1.43 26.21 -12.87
C GLN D 68 -0.92 24.90 -12.27
N PHE D 69 -0.77 24.85 -10.95
CA PHE D 69 -0.39 23.60 -10.29
C PHE D 69 -1.35 22.46 -10.69
N TRP D 70 -2.66 22.72 -10.64
CA TRP D 70 -3.62 21.69 -11.01
C TRP D 70 -3.63 21.47 -12.52
N MET D 71 -3.66 22.56 -13.30
CA MET D 71 -3.61 22.39 -14.75
C MET D 71 -2.40 21.58 -15.18
N ASN D 72 -1.28 21.70 -14.46
CA ASN D 72 -0.12 20.91 -14.85
C ASN D 72 -0.26 19.46 -14.47
N LEU D 73 -0.92 19.16 -13.34
CA LEU D 73 -1.24 17.76 -13.04
C LEU D 73 -2.05 17.16 -14.19
N GLN D 74 -3.14 17.82 -14.55
CA GLN D 74 -3.97 17.35 -15.66
C GLN D 74 -3.16 17.25 -16.96
N SER D 75 -2.36 18.27 -17.24
CA SER D 75 -1.58 18.28 -18.46
C SER D 75 -0.55 17.15 -18.47
N GLU D 76 0.13 16.92 -17.34
CA GLU D 76 1.07 15.81 -17.27
C GLU D 76 0.35 14.48 -17.44
N TYR D 77 -0.81 14.36 -16.80
CA TYR D 77 -1.51 13.08 -16.87
C TYR D 77 -1.99 12.80 -18.29
N SER D 78 -2.54 13.81 -18.98
CA SER D 78 -3.06 13.54 -20.32
C SER D 78 -1.95 13.19 -21.30
N LEU D 79 -0.77 13.67 -21.07
CA LEU D 79 0.33 13.34 -21.94
C LEU D 79 0.74 11.90 -21.72
N ALA D 80 1.08 11.57 -20.49
CA ALA D 80 1.46 10.22 -20.12
C ALA D 80 0.48 9.16 -20.65
N THR D 81 -0.83 9.43 -20.60
CA THR D 81 -1.78 8.44 -21.11
C THR D 81 -1.87 8.47 -22.63
N ALA D 82 -1.77 9.66 -23.23
CA ALA D 82 -1.70 9.76 -24.69
C ALA D 82 -0.41 9.12 -25.22
N TYR D 83 0.73 9.49 -24.64
CA TYR D 83 1.92 8.67 -24.83
C TYR D 83 1.66 7.33 -24.15
N ALA D 84 2.57 6.37 -24.29
CA ALA D 84 2.35 5.06 -23.70
C ALA D 84 1.04 4.45 -24.17
N ALA D 85 0.25 5.20 -24.96
CA ALA D 85 -0.86 4.66 -25.73
C ALA D 85 -0.52 4.83 -27.21
N ASN D 86 -0.06 6.01 -27.64
CA ASN D 86 0.28 6.24 -29.04
C ASN D 86 1.61 6.90 -29.24
N GLY D 87 2.37 7.16 -28.15
CA GLY D 87 3.79 7.38 -28.31
C GLY D 87 4.43 6.18 -28.99
N LYS D 88 5.69 6.32 -29.41
CA LYS D 88 6.43 5.22 -30.03
C LYS D 88 5.80 4.86 -31.38
N GLN D 89 4.59 5.33 -31.66
CA GLN D 89 3.94 5.11 -32.93
C GLN D 89 3.82 6.46 -33.64
N ILE D 90 3.65 7.55 -32.88
CA ILE D 90 3.63 8.90 -33.47
C ILE D 90 5.00 9.25 -34.04
N GLU D 91 6.08 8.91 -33.33
CA GLU D 91 7.40 9.20 -33.87
C GLU D 91 7.70 8.36 -35.11
N HIS D 92 7.33 7.07 -35.09
CA HIS D 92 7.47 6.24 -36.28
C HIS D 92 6.70 6.82 -37.46
N GLU D 93 5.69 7.64 -37.20
CA GLU D 93 4.94 8.31 -38.25
C GLU D 93 5.63 9.59 -38.72
N ILE D 94 6.18 10.38 -37.81
CA ILE D 94 6.58 11.75 -38.12
C ILE D 94 8.09 11.91 -38.06
N GLU D 95 8.66 12.65 -38.99
CA GLU D 95 10.09 12.96 -38.99
C GLU D 95 10.36 14.40 -38.52
N PRO D 96 11.28 14.59 -37.56
CA PRO D 96 11.62 15.94 -37.05
C PRO D 96 12.19 16.82 -38.17
N LEU D 97 12.45 18.12 -37.95
CA LEU D 97 13.05 18.94 -39.01
C LEU D 97 14.56 18.81 -39.04
N MET E 6 -21.03 -16.24 -13.37
CA MET E 6 -19.84 -15.98 -12.56
C MET E 6 -18.92 -14.93 -13.20
N ARG E 7 -18.49 -15.20 -14.43
CA ARG E 7 -17.59 -14.28 -15.11
C ARG E 7 -18.33 -12.98 -15.43
N PRO E 8 -17.71 -11.80 -15.18
CA PRO E 8 -18.43 -10.55 -15.45
C PRO E 8 -18.37 -10.14 -16.93
N ILE E 9 -19.55 -10.15 -17.57
CA ILE E 9 -19.74 -9.57 -18.90
C ILE E 9 -20.56 -8.31 -18.69
N HIS E 10 -19.99 -7.15 -19.01
CA HIS E 10 -20.76 -5.94 -18.90
C HIS E 10 -21.80 -5.93 -20.02
N PRO E 11 -23.00 -5.43 -19.76
CA PRO E 11 -24.04 -5.41 -20.80
C PRO E 11 -23.67 -4.58 -22.01
N GLY E 12 -22.83 -3.56 -21.85
CA GLY E 12 -22.31 -2.86 -22.99
C GLY E 12 -21.63 -3.80 -23.96
N GLU E 13 -21.00 -4.87 -23.46
CA GLU E 13 -20.34 -5.80 -24.35
C GLU E 13 -21.36 -6.53 -25.22
N ILE E 14 -22.44 -7.01 -24.62
CA ILE E 14 -23.48 -7.66 -25.40
C ILE E 14 -24.10 -6.69 -26.38
N LEU E 15 -24.29 -5.42 -25.97
CA LEU E 15 -24.82 -4.41 -26.87
C LEU E 15 -23.87 -4.13 -28.02
N ARG E 16 -22.57 -4.08 -27.73
CA ARG E 16 -21.59 -3.81 -28.80
C ARG E 16 -21.44 -5.04 -29.72
N ASP E 17 -21.05 -6.18 -29.15
CA ASP E 17 -20.63 -7.34 -29.93
C ASP E 17 -21.79 -8.04 -30.63
N GLU E 18 -22.93 -8.21 -29.97
CA GLU E 18 -24.05 -8.98 -30.51
C GLU E 18 -25.16 -8.14 -31.14
N PHE E 19 -25.06 -6.82 -31.13
CA PHE E 19 -26.17 -6.07 -31.69
C PHE E 19 -25.79 -4.84 -32.50
N LEU E 20 -24.72 -4.16 -32.11
CA LEU E 20 -24.28 -2.99 -32.85
C LEU E 20 -23.33 -3.46 -33.95
N MET E 21 -22.41 -4.36 -33.64
CA MET E 21 -21.51 -4.87 -34.66
C MET E 21 -22.28 -5.80 -35.54
N GLU E 22 -23.22 -6.47 -34.96
CA GLU E 22 -24.17 -7.24 -35.70
C GLU E 22 -25.13 -6.15 -36.16
N PHE E 23 -25.66 -6.25 -37.34
CA PHE E 23 -26.48 -5.13 -37.85
C PHE E 23 -25.78 -3.80 -38.20
N ASP E 24 -24.48 -3.66 -37.95
CA ASP E 24 -23.70 -2.46 -38.30
C ASP E 24 -24.32 -1.08 -38.03
N ILE E 25 -24.70 -0.90 -36.76
CA ILE E 25 -25.29 0.36 -36.29
C ILE E 25 -24.29 1.02 -35.35
N SER E 26 -24.02 2.33 -35.60
CA SER E 26 -23.18 3.15 -34.75
C SER E 26 -23.92 3.49 -33.45
N PRO E 27 -23.19 3.78 -32.37
CA PRO E 27 -23.87 4.24 -31.15
C PRO E 27 -24.75 5.46 -31.39
N ALA E 28 -24.25 6.43 -32.18
CA ALA E 28 -25.03 7.61 -32.49
C ALA E 28 -26.32 7.24 -33.20
N ALA E 29 -26.24 6.30 -34.14
CA ALA E 29 -27.45 5.90 -34.85
C ALA E 29 -28.42 5.20 -33.91
N LEU E 30 -27.94 4.24 -33.11
CA LEU E 30 -28.83 3.60 -32.15
C LEU E 30 -29.54 4.64 -31.27
N ALA E 31 -28.76 5.59 -30.71
CA ALA E 31 -29.36 6.59 -29.82
C ALA E 31 -30.50 7.31 -30.51
N ARG E 32 -30.26 7.75 -31.73
CA ARG E 32 -31.29 8.40 -32.53
C ARG E 32 -32.52 7.51 -32.71
N ALA E 33 -32.33 6.19 -32.86
CA ALA E 33 -33.48 5.33 -32.98
C ALA E 33 -34.20 5.18 -31.63
N LEU E 34 -33.46 5.20 -30.53
CA LEU E 34 -34.12 5.04 -29.23
C LEU E 34 -34.70 6.34 -28.69
N LYS E 35 -34.55 7.45 -29.42
CA LYS E 35 -34.92 8.78 -28.91
C LYS E 35 -34.29 9.09 -27.55
N VAL E 36 -33.00 8.77 -27.40
CA VAL E 36 -32.20 9.22 -26.27
C VAL E 36 -30.94 9.90 -26.79
N SER E 37 -30.28 10.67 -25.91
CA SER E 37 -29.07 11.40 -26.29
C SER E 37 -27.93 10.45 -26.59
N ALA E 38 -26.96 10.94 -27.35
CA ALA E 38 -25.82 10.10 -27.73
C ALA E 38 -25.12 9.50 -26.51
N PRO E 39 -24.74 10.28 -25.48
CA PRO E 39 -23.93 9.67 -24.42
C PRO E 39 -24.64 8.55 -23.67
N THR E 40 -25.98 8.59 -23.64
CA THR E 40 -26.72 7.50 -23.01
C THR E 40 -26.40 6.16 -23.66
N VAL E 41 -26.49 6.09 -25.00
CA VAL E 41 -26.03 4.88 -25.66
C VAL E 41 -24.52 4.75 -25.54
N ASN E 42 -23.79 5.83 -25.82
CA ASN E 42 -22.34 5.70 -25.95
C ASN E 42 -21.69 5.32 -24.63
N ASP E 43 -22.22 5.77 -23.50
CA ASP E 43 -21.61 5.35 -22.26
C ASP E 43 -21.90 3.89 -21.93
N ILE E 44 -23.08 3.38 -22.32
CA ILE E 44 -23.36 1.95 -22.18
C ILE E 44 -22.35 1.11 -22.97
N VAL E 45 -22.20 1.44 -24.26
CA VAL E 45 -21.33 0.68 -25.16
C VAL E 45 -19.92 0.61 -24.58
N ARG E 46 -19.46 1.72 -24.01
CA ARG E 46 -18.16 1.81 -23.41
C ARG E 46 -18.12 1.19 -22.06
N GLU E 47 -19.15 0.46 -21.63
CA GLU E 47 -19.10 -0.24 -20.36
C GLU E 47 -18.87 0.72 -19.19
N GLN E 48 -19.38 1.94 -19.31
CA GLN E 48 -19.32 2.93 -18.25
C GLN E 48 -20.70 3.28 -17.72
N ARG E 49 -21.75 2.77 -18.32
CA ARG E 49 -23.08 2.93 -17.76
C ARG E 49 -23.78 1.56 -17.76
N GLY E 50 -24.52 1.27 -16.69
CA GLY E 50 -25.36 0.11 -16.68
C GLY E 50 -26.64 0.34 -17.48
N ILE E 51 -27.47 -0.71 -17.50
CA ILE E 51 -28.74 -0.68 -18.23
C ILE E 51 -29.85 -0.32 -17.25
N SER E 52 -30.55 0.79 -17.51
CA SER E 52 -31.70 1.12 -16.68
C SER E 52 -32.95 0.42 -17.19
N ALA E 53 -33.99 0.43 -16.36
CA ALA E 53 -35.29 -0.09 -16.79
C ALA E 53 -35.80 0.63 -18.04
N ASP E 54 -35.63 1.96 -18.11
CA ASP E 54 -36.08 2.67 -19.30
C ASP E 54 -35.33 2.19 -20.55
N MET E 55 -34.00 2.13 -20.47
CA MET E 55 -33.22 1.65 -21.60
C MET E 55 -33.52 0.19 -21.92
N ALA E 56 -33.77 -0.63 -20.90
CA ALA E 56 -34.03 -2.05 -21.16
C ALA E 56 -35.30 -2.24 -21.98
N ILE E 57 -36.32 -1.45 -21.69
CA ILE E 57 -37.54 -1.45 -22.48
C ILE E 57 -37.25 -0.95 -23.90
N ARG E 58 -36.59 0.21 -24.03
CA ARG E 58 -36.27 0.76 -25.36
C ARG E 58 -35.43 -0.20 -26.18
N LEU E 59 -34.31 -0.69 -25.62
CA LEU E 59 -33.50 -1.66 -26.34
C LEU E 59 -34.34 -2.85 -26.77
N GLY E 60 -35.12 -3.42 -25.84
CA GLY E 60 -35.94 -4.57 -26.17
C GLY E 60 -36.88 -4.31 -27.34
N ARG E 61 -37.59 -3.18 -27.32
CA ARG E 61 -38.52 -2.88 -28.40
C ARG E 61 -37.78 -2.76 -29.72
N TYR E 62 -36.66 -2.05 -29.73
CA TYR E 62 -35.94 -1.81 -30.97
C TYR E 62 -35.31 -3.08 -31.52
N PHE E 63 -34.84 -3.95 -30.64
CA PHE E 63 -34.09 -5.11 -31.06
C PHE E 63 -34.89 -6.40 -30.99
N ASP E 64 -36.21 -6.30 -30.84
CA ASP E 64 -37.08 -7.46 -30.80
C ASP E 64 -36.59 -8.47 -29.76
N THR E 65 -36.36 -7.98 -28.54
CA THR E 65 -36.10 -8.85 -27.41
C THR E 65 -37.02 -8.46 -26.28
N SER E 66 -37.14 -9.35 -25.30
CA SER E 66 -37.79 -8.95 -24.06
C SER E 66 -36.92 -7.91 -23.36
N ALA E 67 -37.55 -6.93 -22.73
CA ALA E 67 -36.80 -6.03 -21.86
C ALA E 67 -36.19 -6.80 -20.69
N GLN E 68 -36.79 -7.93 -20.30
CA GLN E 68 -36.21 -8.74 -19.24
C GLN E 68 -34.80 -9.16 -19.60
N PHE E 69 -34.58 -9.48 -20.87
CA PHE E 69 -33.28 -9.96 -21.32
C PHE E 69 -32.20 -8.95 -20.97
N TRP E 70 -32.49 -7.67 -21.15
CA TRP E 70 -31.51 -6.65 -20.87
C TRP E 70 -31.35 -6.46 -19.37
N MET E 71 -32.45 -6.54 -18.63
CA MET E 71 -32.35 -6.47 -17.18
C MET E 71 -31.59 -7.67 -16.63
N ASN E 72 -31.81 -8.84 -17.22
CA ASN E 72 -31.09 -10.02 -16.76
C ASN E 72 -29.59 -9.90 -17.05
N LEU E 73 -29.22 -9.33 -18.20
CA LEU E 73 -27.82 -9.07 -18.45
C LEU E 73 -27.23 -8.19 -17.37
N GLN E 74 -27.97 -7.15 -16.97
CA GLN E 74 -27.48 -6.18 -16.00
C GLN E 74 -27.38 -6.77 -14.60
N SER E 75 -28.42 -7.49 -14.14
CA SER E 75 -28.36 -8.00 -12.78
C SER E 75 -27.37 -9.13 -12.65
N GLU E 76 -27.18 -9.91 -13.72
CA GLU E 76 -26.11 -10.91 -13.69
C GLU E 76 -24.75 -10.24 -13.58
N TYR E 77 -24.57 -9.11 -14.28
CA TYR E 77 -23.32 -8.39 -14.18
C TYR E 77 -23.10 -7.83 -12.78
N SER E 78 -24.17 -7.28 -12.17
CA SER E 78 -24.07 -6.73 -10.81
C SER E 78 -23.84 -7.83 -9.78
N LEU E 79 -24.55 -8.96 -9.90
CA LEU E 79 -24.32 -10.05 -8.96
C LEU E 79 -22.89 -10.57 -9.08
N ALA E 80 -22.44 -10.77 -10.32
CA ALA E 80 -21.08 -11.26 -10.50
C ALA E 80 -20.05 -10.28 -9.97
N THR E 81 -20.29 -8.97 -10.10
CA THR E 81 -19.35 -7.99 -9.57
C THR E 81 -19.37 -8.01 -8.03
N ALA E 82 -20.56 -7.94 -7.45
CA ALA E 82 -20.73 -7.95 -6.01
C ALA E 82 -20.09 -9.20 -5.40
N TYR E 83 -20.67 -10.36 -5.67
CA TYR E 83 -20.02 -11.62 -5.33
C TYR E 83 -18.60 -11.64 -5.89
N ALA E 84 -17.70 -12.33 -5.19
CA ALA E 84 -16.30 -12.41 -5.62
C ALA E 84 -15.59 -11.05 -5.52
N ALA E 85 -16.34 -10.03 -5.11
CA ALA E 85 -15.75 -8.90 -4.40
C ALA E 85 -15.99 -9.03 -2.91
N ASN E 86 -17.23 -9.37 -2.51
CA ASN E 86 -17.62 -9.53 -1.12
C ASN E 86 -18.09 -10.95 -0.83
N GLY E 87 -17.75 -11.91 -1.68
CA GLY E 87 -18.15 -13.29 -1.47
C GLY E 87 -17.62 -13.54 -0.07
N LYS E 88 -18.53 -13.49 0.89
CA LYS E 88 -18.15 -13.73 2.23
C LYS E 88 -19.37 -14.31 2.83
N GLN E 89 -19.26 -15.58 3.16
CA GLN E 89 -20.31 -16.26 3.89
C GLN E 89 -19.77 -16.54 5.29
N ILE E 90 -18.70 -15.83 5.66
CA ILE E 90 -18.19 -15.77 7.03
C ILE E 90 -19.23 -15.11 7.94
N GLU E 91 -20.48 -14.87 7.45
CA GLU E 91 -21.43 -14.04 8.22
C GLU E 91 -22.90 -14.47 8.36
N HIS E 92 -23.29 -15.63 7.80
CA HIS E 92 -24.68 -16.10 7.82
C HIS E 92 -24.94 -17.57 8.08
N GLU E 93 -26.20 -17.99 8.01
CA GLU E 93 -26.53 -19.39 8.19
C GLU E 93 -27.64 -20.00 7.35
N ILE E 94 -28.85 -19.99 7.90
CA ILE E 94 -29.91 -20.92 7.54
C ILE E 94 -31.21 -20.26 7.99
N GLU E 95 -32.33 -20.97 7.89
CA GLU E 95 -33.54 -20.63 8.63
C GLU E 95 -33.98 -19.17 8.50
N MET F 6 -49.07 -9.01 -14.05
CA MET F 6 -50.15 -8.11 -13.67
C MET F 6 -49.77 -7.34 -12.38
N ARG F 7 -49.69 -6.00 -12.50
CA ARG F 7 -49.34 -5.05 -11.43
C ARG F 7 -47.87 -5.12 -11.02
N PRO F 8 -47.25 -3.99 -10.67
CA PRO F 8 -45.95 -4.02 -10.01
C PRO F 8 -46.09 -4.52 -8.58
N ILE F 9 -45.29 -5.53 -8.22
CA ILE F 9 -45.21 -6.02 -6.86
C ILE F 9 -43.79 -5.75 -6.38
N HIS F 10 -43.67 -4.88 -5.37
CA HIS F 10 -42.38 -4.56 -4.80
C HIS F 10 -41.74 -5.84 -4.23
N PRO F 11 -40.42 -5.99 -4.30
CA PRO F 11 -39.80 -7.18 -3.70
C PRO F 11 -40.02 -7.28 -2.20
N GLY F 12 -40.27 -6.16 -1.53
CA GLY F 12 -40.53 -6.20 -0.10
C GLY F 12 -41.88 -6.80 0.24
N GLU F 13 -42.86 -6.67 -0.67
CA GLU F 13 -44.13 -7.36 -0.49
C GLU F 13 -43.94 -8.85 -0.32
N ILE F 14 -43.17 -9.46 -1.23
CA ILE F 14 -42.84 -10.88 -1.13
C ILE F 14 -41.88 -11.17 0.03
N LEU F 15 -41.06 -10.21 0.44
CA LEU F 15 -40.25 -10.43 1.65
C LEU F 15 -41.12 -10.38 2.90
N ARG F 16 -42.08 -9.45 2.94
CA ARG F 16 -43.07 -9.37 4.01
C ARG F 16 -43.94 -10.61 4.20
N ASP F 17 -44.84 -10.85 3.23
CA ASP F 17 -45.95 -11.77 3.44
C ASP F 17 -45.51 -13.20 3.12
N GLU F 18 -44.50 -13.38 2.28
CA GLU F 18 -44.12 -14.71 1.83
C GLU F 18 -42.87 -15.25 2.53
N PHE F 19 -42.14 -14.42 3.27
CA PHE F 19 -40.91 -14.92 3.90
C PHE F 19 -40.87 -14.59 5.40
N LEU F 20 -41.05 -13.31 5.74
CA LEU F 20 -41.05 -12.92 7.14
C LEU F 20 -42.30 -13.43 7.85
N MET F 21 -43.46 -13.41 7.17
CA MET F 21 -44.70 -13.85 7.80
C MET F 21 -44.81 -15.36 7.83
N GLU F 22 -44.39 -16.05 6.77
CA GLU F 22 -44.56 -17.50 6.75
C GLU F 22 -43.69 -18.16 7.82
N PHE F 23 -42.42 -17.78 7.88
CA PHE F 23 -41.58 -18.03 9.04
C PHE F 23 -41.96 -17.01 10.10
N ASP F 24 -41.29 -17.02 11.25
CA ASP F 24 -41.61 -15.97 12.22
C ASP F 24 -40.33 -15.22 12.49
N ILE F 25 -39.94 -14.40 11.52
CA ILE F 25 -38.79 -13.52 11.63
C ILE F 25 -39.26 -12.11 11.34
N SER F 26 -38.65 -11.16 12.05
CA SER F 26 -39.04 -9.77 12.03
C SER F 26 -38.07 -8.94 11.21
N PRO F 27 -38.48 -7.76 10.74
CA PRO F 27 -37.54 -6.89 10.03
C PRO F 27 -36.22 -6.73 10.77
N ALA F 28 -36.28 -6.28 12.02
CA ALA F 28 -35.05 -6.08 12.79
C ALA F 28 -34.34 -7.40 13.03
N ALA F 29 -35.08 -8.49 13.16
CA ALA F 29 -34.44 -9.80 13.30
C ALA F 29 -33.71 -10.21 12.03
N LEU F 30 -34.34 -10.01 10.86
CA LEU F 30 -33.68 -10.33 9.59
C LEU F 30 -32.38 -9.54 9.41
N ALA F 31 -32.41 -8.24 9.74
CA ALA F 31 -31.20 -7.43 9.63
C ALA F 31 -30.11 -7.96 10.55
N ARG F 32 -30.49 -8.24 11.81
CA ARG F 32 -29.60 -8.94 12.73
C ARG F 32 -28.94 -10.13 12.04
N ALA F 33 -29.75 -11.02 11.46
CA ALA F 33 -29.22 -12.27 10.89
C ALA F 33 -28.36 -12.01 9.66
N LEU F 34 -28.71 -11.01 8.85
CA LEU F 34 -27.99 -10.71 7.61
C LEU F 34 -26.81 -9.75 7.79
N LYS F 35 -26.54 -9.28 9.02
CA LYS F 35 -25.41 -8.39 9.29
C LYS F 35 -25.50 -7.10 8.46
N VAL F 36 -26.72 -6.64 8.24
CA VAL F 36 -26.98 -5.31 7.72
C VAL F 36 -27.79 -4.56 8.76
N SER F 37 -27.80 -3.24 8.63
CA SER F 37 -28.51 -2.40 9.57
C SER F 37 -30.03 -2.48 9.38
N ALA F 38 -30.75 -2.34 10.49
CA ALA F 38 -32.21 -2.34 10.49
C ALA F 38 -32.85 -1.45 9.44
N PRO F 39 -32.46 -0.19 9.25
CA PRO F 39 -33.22 0.64 8.30
C PRO F 39 -33.15 0.09 6.89
N THR F 40 -32.11 -0.69 6.56
CA THR F 40 -32.08 -1.24 5.22
C THR F 40 -33.14 -2.33 5.06
N VAL F 41 -33.37 -3.17 6.09
CA VAL F 41 -34.49 -4.10 5.96
C VAL F 41 -35.82 -3.36 6.07
N ASN F 42 -35.92 -2.35 6.94
CA ASN F 42 -37.22 -1.74 7.15
C ASN F 42 -37.69 -0.95 5.94
N ASP F 43 -36.78 -0.22 5.27
CA ASP F 43 -37.17 0.51 4.07
C ASP F 43 -37.56 -0.44 2.93
N ILE F 44 -36.83 -1.56 2.81
CA ILE F 44 -37.23 -2.57 1.81
C ILE F 44 -38.63 -3.08 2.11
N VAL F 45 -38.86 -3.53 3.35
CA VAL F 45 -40.16 -4.06 3.75
C VAL F 45 -41.25 -2.98 3.64
N ARG F 46 -40.88 -1.72 3.85
CA ARG F 46 -41.79 -0.59 3.64
C ARG F 46 -41.89 -0.16 2.17
N GLU F 47 -41.31 -0.93 1.24
CA GLU F 47 -41.38 -0.66 -0.20
C GLU F 47 -40.88 0.75 -0.53
N GLN F 48 -39.85 1.18 0.19
CA GLN F 48 -39.18 2.45 -0.05
C GLN F 48 -37.78 2.27 -0.57
N ARG F 49 -37.25 1.06 -0.50
CA ARG F 49 -35.92 0.75 -1.00
C ARG F 49 -35.98 -0.54 -1.80
N GLY F 50 -35.19 -0.59 -2.87
CA GLY F 50 -35.09 -1.77 -3.69
C GLY F 50 -33.94 -2.67 -3.29
N ILE F 51 -33.82 -3.76 -4.03
CA ILE F 51 -32.94 -4.87 -3.66
C ILE F 51 -31.63 -4.69 -4.38
N SER F 52 -30.61 -4.29 -3.65
CA SER F 52 -29.27 -4.20 -4.21
C SER F 52 -28.74 -5.60 -4.51
N ALA F 53 -27.73 -5.66 -5.37
CA ALA F 53 -27.04 -6.92 -5.60
C ALA F 53 -26.50 -7.47 -4.28
N ASP F 54 -25.94 -6.60 -3.45
CA ASP F 54 -25.45 -6.97 -2.13
C ASP F 54 -26.55 -7.66 -1.32
N MET F 55 -27.68 -6.97 -1.17
CA MET F 55 -28.81 -7.53 -0.45
C MET F 55 -29.28 -8.82 -1.09
N ALA F 56 -29.35 -8.85 -2.43
CA ALA F 56 -29.81 -10.06 -3.12
C ALA F 56 -28.95 -11.27 -2.75
N ILE F 57 -27.62 -11.10 -2.77
CA ILE F 57 -26.76 -12.19 -2.30
C ILE F 57 -27.06 -12.53 -0.83
N ARG F 58 -27.25 -11.53 0.02
CA ARG F 58 -27.50 -11.81 1.42
C ARG F 58 -28.81 -12.56 1.59
N LEU F 59 -29.92 -11.99 1.11
CA LEU F 59 -31.21 -12.67 1.18
C LEU F 59 -31.14 -14.09 0.64
N GLY F 60 -30.37 -14.32 -0.40
CA GLY F 60 -30.30 -15.66 -0.96
C GLY F 60 -29.66 -16.65 -0.01
N ARG F 61 -28.53 -16.27 0.62
CA ARG F 61 -27.83 -17.24 1.46
C ARG F 61 -28.63 -17.54 2.71
N TYR F 62 -29.30 -16.54 3.27
CA TYR F 62 -30.09 -16.76 4.47
C TYR F 62 -31.31 -17.62 4.17
N PHE F 63 -31.98 -17.38 3.05
CA PHE F 63 -33.21 -18.09 2.74
C PHE F 63 -33.03 -19.28 1.80
N ASP F 64 -31.79 -19.65 1.48
CA ASP F 64 -31.50 -20.79 0.61
C ASP F 64 -32.04 -20.62 -0.82
N THR F 65 -32.50 -19.42 -1.18
CA THR F 65 -32.87 -19.18 -2.57
C THR F 65 -31.65 -18.62 -3.28
N SER F 66 -31.74 -18.50 -4.60
CA SER F 66 -30.67 -17.92 -5.39
C SER F 66 -30.69 -16.40 -5.28
N ALA F 67 -29.51 -15.80 -5.44
CA ALA F 67 -29.47 -14.34 -5.55
C ALA F 67 -30.26 -13.84 -6.76
N GLN F 68 -30.23 -14.60 -7.88
CA GLN F 68 -30.96 -14.20 -9.07
C GLN F 68 -32.47 -14.12 -8.82
N PHE F 69 -32.98 -14.90 -7.87
CA PHE F 69 -34.40 -14.84 -7.53
C PHE F 69 -34.79 -13.45 -7.03
N TRP F 70 -33.96 -12.85 -6.17
CA TRP F 70 -34.30 -11.56 -5.60
C TRP F 70 -34.03 -10.43 -6.60
N MET F 71 -32.93 -10.51 -7.37
CA MET F 71 -32.73 -9.53 -8.43
C MET F 71 -33.90 -9.55 -9.41
N ASN F 72 -34.48 -10.73 -9.65
CA ASN F 72 -35.46 -10.81 -10.71
C ASN F 72 -36.79 -10.22 -10.29
N LEU F 73 -37.13 -10.29 -9.00
CA LEU F 73 -38.31 -9.55 -8.55
C LEU F 73 -38.03 -8.05 -8.55
N GLN F 74 -36.76 -7.67 -8.32
CA GLN F 74 -36.38 -6.27 -8.45
C GLN F 74 -36.57 -5.78 -9.89
N SER F 75 -36.07 -6.55 -10.87
CA SER F 75 -36.17 -6.06 -12.24
C SER F 75 -37.60 -6.13 -12.77
N GLU F 76 -38.39 -7.10 -12.31
CA GLU F 76 -39.79 -7.12 -12.70
C GLU F 76 -40.51 -5.91 -12.17
N TYR F 77 -40.20 -5.50 -10.93
CA TYR F 77 -40.85 -4.34 -10.36
C TYR F 77 -40.42 -3.05 -11.06
N SER F 78 -39.12 -2.88 -11.32
CA SER F 78 -38.67 -1.67 -11.99
C SER F 78 -39.25 -1.59 -13.40
N LEU F 79 -39.28 -2.72 -14.11
CA LEU F 79 -39.79 -2.74 -15.48
C LEU F 79 -41.26 -2.36 -15.51
N ALA F 80 -42.05 -2.95 -14.63
CA ALA F 80 -43.47 -2.61 -14.59
C ALA F 80 -43.67 -1.15 -14.19
N THR F 81 -42.82 -0.61 -13.32
CA THR F 81 -42.92 0.81 -12.98
C THR F 81 -42.52 1.67 -14.16
N ALA F 82 -41.39 1.34 -14.80
CA ALA F 82 -40.88 2.16 -15.89
C ALA F 82 -41.82 2.11 -17.09
N TYR F 83 -42.20 0.91 -17.52
CA TYR F 83 -43.37 0.75 -18.38
C TYR F 83 -44.57 1.29 -17.62
N ALA F 84 -45.59 1.74 -18.35
CA ALA F 84 -46.76 2.34 -17.71
C ALA F 84 -46.40 3.66 -17.02
N ALA F 85 -45.12 3.94 -16.85
CA ALA F 85 -44.74 5.33 -16.64
C ALA F 85 -44.41 5.91 -18.01
N ASN F 86 -43.70 5.14 -18.87
CA ASN F 86 -43.37 5.57 -20.22
C ASN F 86 -43.62 4.51 -21.30
N GLY F 87 -44.32 3.42 -21.01
CA GLY F 87 -44.43 2.34 -21.99
C GLY F 87 -45.03 2.81 -23.31
N LYS F 88 -46.12 3.56 -23.26
CA LYS F 88 -46.76 4.00 -24.49
C LYS F 88 -45.94 5.06 -25.19
N GLN F 89 -45.32 5.95 -24.43
CA GLN F 89 -44.34 6.86 -25.01
C GLN F 89 -43.28 6.08 -25.77
N ILE F 90 -42.71 5.07 -25.14
CA ILE F 90 -41.60 4.35 -25.77
C ILE F 90 -42.06 3.65 -27.05
N GLU F 91 -43.31 3.20 -27.10
CA GLU F 91 -43.83 2.56 -28.31
C GLU F 91 -44.08 3.60 -29.42
N HIS F 92 -44.53 4.80 -29.05
CA HIS F 92 -44.79 5.80 -30.08
C HIS F 92 -43.51 6.28 -30.75
N GLU F 93 -42.40 6.37 -30.01
CA GLU F 93 -41.20 7.00 -30.54
C GLU F 93 -40.18 6.03 -31.10
N ILE F 94 -40.28 4.73 -30.82
CA ILE F 94 -39.29 3.78 -31.31
C ILE F 94 -39.94 2.88 -32.33
N GLU F 95 -39.38 2.84 -33.49
CA GLU F 95 -39.76 1.85 -34.46
C GLU F 95 -38.79 0.68 -34.38
N PRO F 96 -39.29 -0.57 -34.27
CA PRO F 96 -38.39 -1.71 -34.17
C PRO F 96 -37.55 -1.89 -35.42
N LEU F 97 -36.30 -2.29 -35.22
CA LEU F 97 -35.38 -2.51 -36.34
C LEU F 97 -35.91 -3.54 -37.35
N LEU F 98 -36.79 -4.44 -36.93
CA LEU F 98 -37.27 -5.53 -37.82
C LEU F 98 -38.00 -5.07 -39.10
N PRO G 8 30.39 -22.88 21.69
CA PRO G 8 29.00 -22.57 21.31
C PRO G 8 28.90 -22.23 19.84
N ILE G 9 28.12 -23.01 19.09
CA ILE G 9 27.94 -22.80 17.66
C ILE G 9 26.49 -22.39 17.44
N HIS G 10 26.26 -21.16 17.06
CA HIS G 10 24.89 -20.78 16.74
C HIS G 10 24.40 -21.70 15.64
N PRO G 11 23.14 -22.13 15.68
CA PRO G 11 22.62 -22.97 14.59
C PRO G 11 22.77 -22.36 13.23
N GLY G 12 22.68 -21.04 13.13
CA GLY G 12 22.82 -20.38 11.84
C GLY G 12 24.15 -20.66 11.17
N GLU G 13 25.21 -20.82 11.95
CA GLU G 13 26.50 -21.17 11.38
C GLU G 13 26.45 -22.49 10.62
N ILE G 14 25.66 -23.45 11.09
CA ILE G 14 25.53 -24.73 10.39
C ILE G 14 24.69 -24.55 9.13
N LEU G 15 23.57 -23.84 9.27
CA LEU G 15 22.74 -23.55 8.10
C LEU G 15 23.57 -22.82 7.06
N ARG G 16 24.25 -21.75 7.48
CA ARG G 16 25.25 -21.06 6.67
C ARG G 16 26.42 -21.88 6.16
N ASP G 17 27.33 -22.25 7.02
CA ASP G 17 28.50 -22.91 6.52
C ASP G 17 28.32 -24.38 6.24
N GLU G 18 27.13 -24.85 5.96
CA GLU G 18 26.98 -26.27 5.76
C GLU G 18 25.90 -26.63 4.82
N PHE G 19 24.82 -25.89 4.80
CA PHE G 19 23.76 -26.23 3.91
C PHE G 19 23.50 -25.21 2.86
N LEU G 20 23.83 -23.99 3.16
CA LEU G 20 23.47 -22.92 2.26
C LEU G 20 24.59 -22.90 1.26
N MET G 21 25.82 -23.03 1.71
CA MET G 21 26.92 -23.00 0.78
C MET G 21 26.94 -24.26 -0.01
N GLU G 22 26.75 -25.35 0.70
CA GLU G 22 26.84 -26.68 0.12
C GLU G 22 26.04 -26.74 -1.17
N PHE G 23 24.81 -26.27 -1.09
CA PHE G 23 23.89 -26.31 -2.22
C PHE G 23 23.81 -24.98 -2.94
N ASP G 24 24.65 -24.02 -2.55
CA ASP G 24 24.63 -22.67 -3.10
C ASP G 24 23.24 -22.06 -3.14
N ILE G 25 22.63 -21.93 -1.96
CA ILE G 25 21.33 -21.31 -1.81
C ILE G 25 21.50 -20.04 -0.98
N SER G 26 20.81 -18.94 -1.41
CA SER G 26 20.80 -17.65 -0.74
C SER G 26 19.72 -17.63 0.34
N PRO G 27 19.96 -16.89 1.43
CA PRO G 27 18.91 -16.73 2.44
C PRO G 27 17.58 -16.30 1.84
N ALA G 28 17.59 -15.29 0.98
CA ALA G 28 16.36 -14.89 0.32
C ALA G 28 15.75 -16.07 -0.44
N ALA G 29 16.58 -16.90 -1.08
CA ALA G 29 16.07 -18.06 -1.79
C ALA G 29 15.41 -19.05 -0.84
N LEU G 30 16.11 -19.38 0.24
CA LEU G 30 15.58 -20.41 1.13
C LEU G 30 14.29 -19.96 1.81
N ALA G 31 14.18 -18.66 2.09
CA ALA G 31 12.94 -18.13 2.67
C ALA G 31 11.77 -18.39 1.74
N ARG G 32 11.97 -18.14 0.46
CA ARG G 32 10.93 -18.38 -0.54
C ARG G 32 10.54 -19.86 -0.57
N ALA G 33 11.53 -20.75 -0.47
CA ALA G 33 11.23 -22.18 -0.46
C ALA G 33 10.43 -22.56 0.80
N LEU G 34 10.85 -22.08 1.97
CA LEU G 34 10.18 -22.44 3.21
C LEU G 34 8.87 -21.71 3.41
N LYS G 35 8.53 -20.79 2.52
CA LYS G 35 7.35 -19.96 2.68
C LYS G 35 7.39 -19.18 4.00
N VAL G 36 8.55 -18.58 4.30
CA VAL G 36 8.65 -17.59 5.37
C VAL G 36 9.26 -16.30 4.82
N SER G 37 9.11 -15.23 5.61
CA SER G 37 9.68 -13.97 5.18
C SER G 37 11.20 -14.05 5.19
N ALA G 38 11.81 -13.20 4.37
CA ALA G 38 13.27 -13.15 4.29
C ALA G 38 13.94 -12.83 5.62
N PRO G 39 13.46 -11.91 6.44
CA PRO G 39 14.14 -11.71 7.74
C PRO G 39 14.15 -12.96 8.62
N THR G 40 13.16 -13.85 8.47
CA THR G 40 13.14 -15.06 9.28
C THR G 40 14.35 -15.94 8.97
N VAL G 41 14.61 -16.20 7.70
CA VAL G 41 15.79 -17.00 7.37
C VAL G 41 17.07 -16.22 7.66
N ASN G 42 17.12 -14.97 7.23
CA ASN G 42 18.37 -14.23 7.25
C ASN G 42 18.84 -13.94 8.68
N ASP G 43 17.92 -13.64 9.58
CA ASP G 43 18.36 -13.39 10.95
C ASP G 43 18.94 -14.64 11.61
N ILE G 44 18.47 -15.82 11.21
CA ILE G 44 19.12 -17.04 11.69
C ILE G 44 20.52 -17.16 11.10
N VAL G 45 20.65 -16.91 9.79
CA VAL G 45 21.95 -16.98 9.11
C VAL G 45 22.95 -16.03 9.75
N ARG G 46 22.50 -14.85 10.22
CA ARG G 46 23.35 -13.90 10.91
C ARG G 46 23.49 -14.16 12.41
N GLU G 47 23.00 -15.30 12.91
CA GLU G 47 23.20 -15.68 14.31
C GLU G 47 22.60 -14.65 15.25
N GLN G 48 21.45 -14.11 14.85
CA GLN G 48 20.70 -13.14 15.61
C GLN G 48 19.28 -13.60 15.90
N ARG G 49 18.89 -14.78 15.42
CA ARG G 49 17.62 -15.35 15.80
C ARG G 49 17.84 -16.83 16.06
N GLY G 50 17.07 -17.39 16.97
CA GLY G 50 17.10 -18.82 17.17
C GLY G 50 16.19 -19.52 16.20
N ILE G 51 16.27 -20.85 16.23
CA ILE G 51 15.38 -21.66 15.41
C ILE G 51 14.18 -22.05 16.27
N SER G 52 12.99 -21.55 15.89
CA SER G 52 11.78 -21.97 16.56
C SER G 52 11.44 -23.38 16.16
N ALA G 53 10.52 -24.00 16.91
CA ALA G 53 10.04 -25.33 16.54
C ALA G 53 9.49 -25.34 15.11
N ASP G 54 8.64 -24.36 14.77
CA ASP G 54 8.07 -24.30 13.43
C ASP G 54 9.17 -24.25 12.36
N MET G 55 10.22 -23.47 12.58
CA MET G 55 11.29 -23.42 11.57
C MET G 55 12.03 -24.75 11.50
N ALA G 56 12.25 -25.40 12.65
CA ALA G 56 12.89 -26.72 12.64
C ALA G 56 12.14 -27.70 11.76
N ILE G 57 10.81 -27.60 11.72
CA ILE G 57 10.04 -28.51 10.91
C ILE G 57 10.15 -28.14 9.43
N ARG G 58 10.11 -26.84 9.12
CA ARG G 58 10.32 -26.43 7.75
C ARG G 58 11.73 -26.78 7.29
N LEU G 59 12.75 -26.53 8.12
CA LEU G 59 14.11 -26.89 7.74
C LEU G 59 14.24 -28.40 7.52
N GLY G 60 13.65 -29.18 8.42
CA GLY G 60 13.76 -30.62 8.32
C GLY G 60 13.10 -31.16 7.08
N ARG G 61 11.94 -30.61 6.72
CA ARG G 61 11.30 -31.01 5.47
C ARG G 61 12.20 -30.69 4.29
N TYR G 62 12.52 -29.40 4.11
CA TYR G 62 13.26 -28.95 2.93
C TYR G 62 14.58 -29.69 2.74
N PHE G 63 15.48 -29.57 3.70
CA PHE G 63 16.79 -30.20 3.60
C PHE G 63 16.79 -31.68 3.99
N ASP G 64 15.62 -32.28 4.20
CA ASP G 64 15.53 -33.72 4.39
C ASP G 64 16.29 -34.19 5.64
N THR G 65 15.96 -33.60 6.79
CA THR G 65 16.50 -34.06 8.06
C THR G 65 15.38 -34.20 9.07
N SER G 66 15.71 -34.70 10.25
CA SER G 66 14.79 -34.62 11.36
C SER G 66 14.71 -33.18 11.85
N ALA G 67 13.50 -32.72 12.15
CA ALA G 67 13.38 -31.45 12.85
C ALA G 67 14.14 -31.45 14.16
N GLN G 68 14.37 -32.61 14.77
CA GLN G 68 15.14 -32.67 16.00
C GLN G 68 16.61 -32.28 15.79
N PHE G 69 17.13 -32.53 14.59
CA PHE G 69 18.51 -32.14 14.31
C PHE G 69 18.69 -30.63 14.52
N TRP G 70 17.70 -29.85 14.09
CA TRP G 70 17.76 -28.40 14.24
C TRP G 70 17.46 -27.99 15.67
N MET G 71 16.48 -28.66 16.28
CA MET G 71 16.18 -28.38 17.68
C MET G 71 17.37 -28.73 18.56
N ASN G 72 18.18 -29.70 18.14
CA ASN G 72 19.33 -30.10 18.96
C ASN G 72 20.45 -29.09 18.89
N LEU G 73 20.69 -28.51 17.72
CA LEU G 73 21.67 -27.43 17.61
C LEU G 73 21.22 -26.21 18.40
N GLN G 74 19.93 -25.90 18.36
CA GLN G 74 19.45 -24.74 19.08
C GLN G 74 19.59 -24.92 20.58
N SER G 75 19.12 -26.05 21.11
CA SER G 75 19.16 -26.24 22.55
C SER G 75 20.59 -26.41 23.03
N GLU G 76 21.42 -27.10 22.25
CA GLU G 76 22.83 -27.17 22.63
C GLU G 76 23.46 -25.78 22.66
N TYR G 77 23.02 -24.89 21.77
CA TYR G 77 23.54 -23.52 21.79
C TYR G 77 23.03 -22.73 23.00
N SER G 78 21.73 -22.84 23.31
CA SER G 78 21.20 -22.17 24.50
C SER G 78 21.87 -22.69 25.77
N LEU G 79 22.01 -24.01 25.91
CA LEU G 79 22.67 -24.59 27.08
C LEU G 79 24.10 -24.08 27.21
N ALA G 80 24.88 -24.20 26.15
CA ALA G 80 26.25 -23.71 26.18
C ALA G 80 26.29 -22.22 26.50
N THR G 81 25.30 -21.47 26.01
CA THR G 81 25.27 -20.04 26.30
C THR G 81 24.86 -19.76 27.74
N ALA G 82 23.85 -20.48 28.24
CA ALA G 82 23.41 -20.34 29.62
C ALA G 82 24.54 -20.70 30.59
N TYR G 83 25.02 -21.94 30.52
CA TYR G 83 26.27 -22.30 31.17
C TYR G 83 27.37 -21.37 30.67
N ALA G 84 28.49 -21.31 31.39
CA ALA G 84 29.60 -20.40 31.06
C ALA G 84 29.19 -18.94 31.17
N ALA G 85 27.89 -18.67 31.30
CA ALA G 85 27.39 -17.35 31.69
C ALA G 85 27.03 -17.37 33.17
N ASN G 86 26.24 -18.35 33.57
CA ASN G 86 25.73 -18.44 34.93
C ASN G 86 25.96 -19.82 35.52
N GLY G 87 27.05 -20.49 35.13
CA GLY G 87 27.35 -21.83 35.61
C GLY G 87 27.26 -22.09 37.11
N LYS G 88 26.77 -21.09 37.85
CA LYS G 88 26.57 -21.15 39.32
C LYS G 88 26.05 -22.52 39.59
N GLN G 89 26.92 -23.32 40.15
CA GLN G 89 26.64 -24.71 40.28
C GLN G 89 26.86 -24.95 41.74
N ILE G 90 27.24 -23.87 42.41
CA ILE G 90 27.59 -24.01 43.83
C ILE G 90 26.39 -23.71 44.71
N GLU G 91 25.19 -23.97 44.21
CA GLU G 91 23.99 -23.69 44.99
C GLU G 91 22.99 -24.83 45.01
N HIS G 92 23.35 -26.01 44.54
CA HIS G 92 22.48 -27.17 44.63
C HIS G 92 23.21 -28.35 45.28
N GLU G 93 22.44 -29.39 45.58
CA GLU G 93 22.95 -30.56 46.27
C GLU G 93 22.55 -31.93 45.74
N ILE G 94 22.55 -32.93 46.64
CA ILE G 94 22.27 -34.32 46.24
C ILE G 94 20.81 -34.73 46.22
N GLU G 95 20.25 -34.81 45.02
CA GLU G 95 18.93 -35.38 44.78
C GLU G 95 17.84 -34.62 45.52
N GLY H 5 9.11 -36.68 19.22
CA GLY H 5 7.79 -36.75 19.80
C GLY H 5 6.80 -37.09 18.72
N MET H 6 5.53 -36.85 19.02
CA MET H 6 4.42 -36.86 18.07
C MET H 6 3.21 -36.50 18.91
N ARG H 7 3.02 -37.23 20.01
CA ARG H 7 2.05 -36.85 21.03
C ARG H 7 2.72 -35.98 22.07
N PRO H 8 2.16 -34.82 22.41
CA PRO H 8 2.89 -33.86 23.24
C PRO H 8 2.88 -34.28 24.70
N ILE H 9 4.07 -34.36 25.28
CA ILE H 9 4.22 -34.58 26.70
C ILE H 9 4.93 -33.35 27.27
N HIS H 10 4.19 -32.54 28.01
CA HIS H 10 4.81 -31.35 28.61
C HIS H 10 5.88 -31.79 29.59
N PRO H 11 7.03 -31.11 29.63
CA PRO H 11 8.06 -31.48 30.59
C PRO H 11 7.58 -31.44 32.02
N GLY H 12 6.43 -30.81 32.29
CA GLY H 12 5.89 -30.78 33.64
C GLY H 12 5.36 -32.13 34.09
N GLU H 13 4.72 -32.88 33.19
CA GLU H 13 4.27 -34.24 33.50
C GLU H 13 5.43 -35.09 33.98
N ILE H 14 6.54 -35.02 33.25
CA ILE H 14 7.69 -35.83 33.62
C ILE H 14 8.35 -35.27 34.88
N LEU H 15 8.16 -33.98 35.17
CA LEU H 15 8.67 -33.46 36.42
C LEU H 15 7.81 -33.93 37.60
N ARG H 16 6.48 -33.85 37.46
CA ARG H 16 5.54 -34.39 38.43
C ARG H 16 5.69 -35.87 38.73
N ASP H 17 5.59 -36.72 37.69
CA ASP H 17 5.90 -38.13 37.84
C ASP H 17 7.44 -38.23 37.77
N GLU H 18 7.97 -39.45 37.71
CA GLU H 18 9.42 -39.68 37.67
C GLU H 18 10.32 -38.92 38.65
N PHE H 19 9.94 -37.71 39.06
CA PHE H 19 10.83 -36.92 39.91
C PHE H 19 10.14 -36.46 41.20
N LEU H 20 9.04 -35.51 41.01
CA LEU H 20 8.36 -35.09 42.23
C LEU H 20 7.56 -36.25 42.83
N MET H 21 6.66 -36.89 42.20
CA MET H 21 5.81 -37.95 42.71
C MET H 21 6.56 -39.25 42.97
N GLU H 22 7.64 -39.53 42.24
CA GLU H 22 8.44 -40.71 42.57
C GLU H 22 9.40 -40.43 43.70
N PHE H 23 9.62 -39.29 44.16
CA PHE H 23 10.22 -38.96 45.43
C PHE H 23 9.06 -38.28 46.17
N ASP H 24 9.37 -37.52 47.15
CA ASP H 24 8.33 -36.82 47.88
C ASP H 24 8.51 -35.31 47.77
N ILE H 25 9.12 -34.81 46.70
CA ILE H 25 9.34 -33.38 46.57
C ILE H 25 8.06 -32.69 46.11
N SER H 26 7.70 -31.63 46.78
CA SER H 26 6.59 -30.76 46.40
C SER H 26 7.11 -29.64 45.52
N PRO H 27 6.22 -28.94 44.81
CA PRO H 27 6.69 -27.80 44.01
C PRO H 27 7.45 -26.78 44.84
N ALA H 28 6.80 -26.29 45.91
CA ALA H 28 7.44 -25.32 46.78
C ALA H 28 8.75 -25.83 47.33
N ALA H 29 8.82 -27.10 47.72
CA ALA H 29 10.09 -27.67 48.17
C ALA H 29 11.13 -27.62 47.05
N LEU H 30 10.74 -28.06 45.85
CA LEU H 30 11.69 -28.07 44.73
C LEU H 30 12.19 -26.67 44.43
N ALA H 31 11.28 -25.69 44.45
CA ALA H 31 11.66 -24.30 44.19
C ALA H 31 12.67 -23.81 45.21
N ARG H 32 12.50 -24.19 46.49
CA ARG H 32 13.50 -23.88 47.50
C ARG H 32 14.82 -24.56 47.18
N ALA H 33 14.76 -25.83 46.74
CA ALA H 33 15.98 -26.56 46.37
C ALA H 33 16.69 -25.93 45.17
N LEU H 34 15.94 -25.63 44.11
CA LEU H 34 16.54 -25.10 42.89
C LEU H 34 16.72 -23.59 42.89
N LYS H 35 16.41 -22.93 44.00
CA LYS H 35 16.70 -21.51 44.15
C LYS H 35 15.88 -20.67 43.16
N VAL H 36 14.64 -21.05 42.91
CA VAL H 36 13.83 -20.18 42.07
C VAL H 36 12.49 -19.92 42.75
N SER H 37 11.81 -18.90 42.22
CA SER H 37 10.46 -18.57 42.66
C SER H 37 9.62 -19.83 42.75
N ALA H 38 8.72 -19.85 43.72
CA ALA H 38 7.66 -20.86 43.67
C ALA H 38 6.86 -20.77 42.36
N PRO H 39 6.37 -19.61 41.92
CA PRO H 39 5.54 -19.60 40.71
C PRO H 39 6.22 -20.17 39.46
N THR H 40 7.54 -20.13 39.38
CA THR H 40 8.18 -20.71 38.19
C THR H 40 8.10 -22.23 38.20
N VAL H 41 8.50 -22.86 39.31
CA VAL H 41 8.32 -24.30 39.42
C VAL H 41 6.85 -24.66 39.31
N ASN H 42 5.98 -23.88 39.95
CA ASN H 42 4.55 -24.20 39.90
C ASN H 42 3.99 -24.03 38.51
N ASP H 43 4.46 -23.03 37.75
CA ASP H 43 3.97 -22.85 36.39
C ASP H 43 4.35 -24.04 35.53
N ILE H 44 5.59 -24.54 35.68
CA ILE H 44 6.04 -25.67 34.90
C ILE H 44 5.14 -26.88 35.17
N VAL H 45 4.94 -27.20 36.46
CA VAL H 45 4.23 -28.45 36.76
C VAL H 45 2.74 -28.34 36.44
N ARG H 46 2.22 -27.12 36.33
CA ARG H 46 0.85 -26.93 35.82
C ARG H 46 0.83 -26.79 34.32
N GLU H 47 1.96 -27.07 33.66
CA GLU H 47 2.03 -27.16 32.21
C GLU H 47 1.65 -25.86 31.55
N GLN H 48 1.95 -24.73 32.20
CA GLN H 48 1.75 -23.41 31.62
C GLN H 48 3.05 -22.68 31.35
N ARG H 49 4.18 -23.28 31.64
CA ARG H 49 5.48 -22.68 31.39
C ARG H 49 6.44 -23.77 30.97
N GLY H 50 7.19 -23.52 29.89
CA GLY H 50 8.21 -24.44 29.43
C GLY H 50 9.49 -24.34 30.23
N ILE H 51 10.51 -25.06 29.75
CA ILE H 51 11.79 -25.20 30.46
C ILE H 51 12.81 -24.31 29.78
N SER H 52 13.25 -23.28 30.48
CA SER H 52 14.37 -22.50 29.97
C SER H 52 15.67 -23.29 30.15
N ALA H 53 16.67 -22.92 29.35
CA ALA H 53 17.98 -23.54 29.52
C ALA H 53 18.48 -23.38 30.95
N ASP H 54 18.12 -22.27 31.57
CA ASP H 54 18.47 -22.01 32.96
C ASP H 54 17.98 -23.11 33.87
N MET H 55 16.64 -23.30 33.87
CA MET H 55 16.02 -24.40 34.59
C MET H 55 16.58 -25.75 34.17
N ALA H 56 16.90 -25.90 32.88
CA ALA H 56 17.43 -27.16 32.39
C ALA H 56 18.70 -27.53 33.13
N ILE H 57 19.56 -26.55 33.40
CA ILE H 57 20.79 -26.82 34.12
C ILE H 57 20.54 -26.92 35.63
N ARG H 58 19.58 -26.15 36.14
CA ARG H 58 19.19 -26.28 37.54
C ARG H 58 18.61 -27.66 37.79
N LEU H 59 17.54 -28.01 37.05
CA LEU H 59 16.95 -29.33 37.16
C LEU H 59 17.98 -30.42 36.89
N GLY H 60 18.82 -30.23 35.90
CA GLY H 60 19.82 -31.24 35.61
C GLY H 60 20.75 -31.46 36.80
N ARG H 61 21.16 -30.39 37.41
CA ARG H 61 22.04 -30.46 38.53
C ARG H 61 21.46 -31.15 39.73
N TYR H 62 20.24 -30.79 40.06
CA TYR H 62 19.64 -31.25 41.31
C TYR H 62 19.21 -32.72 41.24
N PHE H 63 18.73 -33.17 40.08
CA PHE H 63 18.43 -34.58 39.89
C PHE H 63 19.56 -35.33 39.22
N ASP H 64 20.73 -34.70 39.09
CA ASP H 64 21.95 -35.34 38.61
C ASP H 64 21.88 -35.73 37.14
N THR H 65 20.71 -35.71 36.52
CA THR H 65 20.62 -35.97 35.09
C THR H 65 21.20 -34.79 34.29
N SER H 66 21.38 -35.00 32.99
CA SER H 66 21.94 -33.94 32.16
C SER H 66 20.94 -32.80 31.95
N ALA H 67 21.48 -31.59 31.73
CA ALA H 67 20.63 -30.50 31.25
C ALA H 67 20.05 -30.85 29.87
N GLN H 68 20.85 -31.47 29.01
CA GLN H 68 20.37 -31.87 27.69
C GLN H 68 19.03 -32.58 27.77
N PHE H 69 18.84 -33.41 28.81
CA PHE H 69 17.67 -34.26 28.87
C PHE H 69 16.40 -33.43 29.05
N TRP H 70 16.50 -32.31 29.76
CA TRP H 70 15.33 -31.47 29.97
C TRP H 70 15.03 -30.64 28.73
N MET H 71 16.09 -30.14 28.08
CA MET H 71 15.92 -29.45 26.81
C MET H 71 15.27 -30.34 25.77
N ASN H 72 15.74 -31.60 25.68
CA ASN H 72 15.15 -32.54 24.73
C ASN H 72 13.68 -32.79 25.04
N LEU H 73 13.33 -32.86 26.33
CA LEU H 73 11.94 -32.91 26.73
C LEU H 73 11.17 -31.71 26.22
N GLN H 74 11.74 -30.52 26.39
CA GLN H 74 11.08 -29.30 25.91
C GLN H 74 10.96 -29.30 24.40
N SER H 75 12.03 -29.67 23.69
CA SER H 75 11.95 -29.52 22.24
C SER H 75 11.01 -30.55 21.63
N GLU H 76 10.86 -31.72 22.25
CA GLU H 76 9.89 -32.66 21.68
C GLU H 76 8.47 -32.19 21.97
N TYR H 77 8.26 -31.57 23.13
CA TYR H 77 6.95 -30.99 23.39
C TYR H 77 6.66 -29.85 22.41
N SER H 78 7.64 -28.98 22.16
CA SER H 78 7.49 -27.92 21.16
C SER H 78 7.24 -28.48 19.77
N LEU H 79 8.07 -29.43 19.33
CA LEU H 79 7.89 -30.04 18.02
C LEU H 79 6.51 -30.67 17.87
N ALA H 80 6.10 -31.45 18.86
CA ALA H 80 4.82 -32.13 18.75
C ALA H 80 3.68 -31.11 18.68
N THR H 81 3.81 -30.02 19.42
CA THR H 81 2.79 -28.97 19.40
C THR H 81 2.79 -28.24 18.06
N ALA H 82 3.96 -27.78 17.59
CA ALA H 82 4.06 -27.13 16.28
C ALA H 82 3.42 -27.99 15.20
N TYR H 83 3.96 -29.18 15.01
CA TYR H 83 3.34 -30.18 14.15
C TYR H 83 1.93 -30.43 14.67
N ALA H 84 1.03 -30.96 13.83
CA ALA H 84 -0.35 -31.18 14.23
C ALA H 84 -1.08 -29.88 14.53
N ALA H 85 -0.34 -28.78 14.67
CA ALA H 85 -0.98 -27.47 14.63
C ALA H 85 -0.92 -27.00 13.19
N ASN H 86 0.25 -27.15 12.54
CA ASN H 86 0.44 -26.77 11.14
C ASN H 86 1.11 -27.86 10.31
N GLY H 87 1.47 -28.98 10.93
CA GLY H 87 2.21 -30.01 10.22
C GLY H 87 1.81 -30.34 8.79
N LYS H 88 0.51 -30.38 8.48
CA LYS H 88 0.12 -30.78 7.14
C LYS H 88 0.22 -29.63 6.15
N GLN H 89 -0.12 -28.42 6.58
CA GLN H 89 0.05 -27.26 5.72
C GLN H 89 1.53 -27.07 5.38
N ILE H 90 2.40 -27.26 6.36
CA ILE H 90 3.84 -27.19 6.10
C ILE H 90 4.26 -28.23 5.06
N GLU H 91 3.79 -29.48 5.22
CA GLU H 91 4.13 -30.50 4.25
C GLU H 91 3.46 -30.26 2.90
N HIS H 92 2.33 -29.55 2.89
CA HIS H 92 1.75 -29.14 1.62
C HIS H 92 2.48 -27.94 1.04
N GLU H 93 2.86 -26.97 1.89
CA GLU H 93 3.49 -25.74 1.44
C GLU H 93 4.90 -25.97 0.90
N ILE H 94 5.63 -26.93 1.43
CA ILE H 94 7.06 -27.07 1.15
C ILE H 94 7.29 -28.33 0.33
N GLU H 95 8.04 -28.19 -0.73
CA GLU H 95 8.51 -29.34 -1.51
C GLU H 95 9.97 -29.59 -1.18
N PRO H 96 10.32 -30.78 -0.70
CA PRO H 96 11.70 -31.04 -0.29
C PRO H 96 12.72 -30.67 -1.37
N LEU H 97 13.96 -30.52 -0.94
CA LEU H 97 15.00 -30.02 -1.84
C LEU H 97 15.30 -30.98 -2.98
N LEU H 98 15.86 -32.15 -2.69
CA LEU H 98 16.25 -33.05 -3.77
C LEU H 98 14.98 -33.62 -4.39
N ALA H 99 14.57 -33.02 -5.51
CA ALA H 99 13.26 -33.30 -6.10
C ALA H 99 13.15 -32.68 -7.49
S SO4 O . 31.18 11.54 -18.39
O1 SO4 O . 30.09 12.44 -18.02
O2 SO4 O . 31.44 11.74 -19.82
O3 SO4 O . 32.43 11.75 -17.68
O4 SO4 O . 30.74 10.18 -18.12
S SO4 P . 13.63 -19.05 -6.76
O1 SO4 P . 12.94 -20.12 -7.48
O2 SO4 P . 13.40 -17.77 -7.41
O3 SO4 P . 13.11 -18.98 -5.39
O4 SO4 P . 15.06 -19.35 -6.76
#